data_1G8H
#
_entry.id   1G8H
#
_cell.length_a   186.011
_cell.length_b   186.011
_cell.length_c   223.812
_cell.angle_alpha   90.00
_cell.angle_beta   90.00
_cell.angle_gamma   120.00
#
_symmetry.space_group_name_H-M   'H 3 2'
#
loop_
_entity.id
_entity.type
_entity.pdbx_description
1 polymer 'SULFATE ADENYLYLTRANSFERASE'
2 non-polymer 'CADMIUM ION'
3 non-polymer 'CALCIUM ION'
4 non-polymer 'SODIUM ION'
5 non-polymer 'MAGNESIUM ION'
6 non-polymer "ADENOSINE-5'-PHOSPHOSULFATE"
7 non-polymer 'PYROPHOSPHATE 2-'
8 non-polymer 'ACETIC ACID'
9 water water
#
_entity_poly.entity_id   1
_entity_poly.type   'polypeptide(L)'
_entity_poly.pdbx_seq_one_letter_code
;MPAPHGGILQDLIARDALKKNELLSEAQSSDILVWNLTPRQLCDIELILNGGFSPLTGFLNENDYSSVVTDSRLADGTLW
TIPITLDVDEAFANQIKPDTRIALFQDDEIPIAILTVQDVYKPNKTIEAERVFRGDPEHPAISYLFNVAGDYYVGGSLEA
IQLPQHYDYPGLRKTPAQLRLEFQSRQWDRVVAFQTRNPMHRAHRELTVRAAREANAKVLIHPVVGLTKPGDIDHHTRVR
VYQEIIKRYPNGIAFLSLLPLAMRMSGDREAVWHAIIRKNYGASHFIVGRDHAGPGKNSKGVDFYGPYDAQELVESYKHE
LDIEVVPFRMVTYLPDEDRYAPIDQIDTTKTRTLNISGTELRRRLRVGGEIPEWFSYPEVVKILRESNPPRPKQGFSIVL
GNSLTVSREQLSIALLSTFLQFGGGRYYKIFEHNNKTELLSLIQDFIGSGSGLIIPDQWEDDKDSVVGKQNVYLLDTSSS
ADIQLESADEPISHIVQKVVLFLEDNGFFVF
;
_entity_poly.pdbx_strand_id   A,B
#
loop_
_chem_comp.id
_chem_comp.type
_chem_comp.name
_chem_comp.formula
ACY non-polymer 'ACETIC ACID' 'C2 H4 O2'
ADX RNA linking ADENOSINE-5'-PHOSPHOSULFATE 'C10 H14 N5 O10 P S'
CA non-polymer 'CALCIUM ION' 'Ca 2'
CD non-polymer 'CADMIUM ION' 'Cd 2'
MG non-polymer 'MAGNESIUM ION' 'Mg 2'
NA non-polymer 'SODIUM ION' 'Na 1'
POP non-polymer 'PYROPHOSPHATE 2-' 'H2 O7 P2 -2'
#
# COMPACT_ATOMS: atom_id res chain seq x y z
N PRO A 2 -10.69 43.04 26.77
CA PRO A 2 -11.09 44.46 26.71
C PRO A 2 -12.53 44.64 27.17
N ALA A 3 -12.88 45.86 27.56
CA ALA A 3 -14.22 46.14 28.03
C ALA A 3 -15.23 45.93 26.94
N PRO A 4 -16.35 45.28 27.26
CA PRO A 4 -17.34 45.08 26.19
C PRO A 4 -17.73 46.43 25.57
N HIS A 5 -18.07 46.41 24.28
CA HIS A 5 -18.46 47.62 23.56
C HIS A 5 -19.59 48.32 24.30
N GLY A 6 -19.34 49.57 24.68
CA GLY A 6 -20.34 50.32 25.42
C GLY A 6 -20.02 50.29 26.91
N GLY A 7 -19.04 49.48 27.28
CA GLY A 7 -18.62 49.40 28.67
C GLY A 7 -19.28 48.34 29.53
N ILE A 8 -20.49 47.94 29.18
CA ILE A 8 -21.20 46.94 29.96
C ILE A 8 -21.65 45.75 29.14
N LEU A 9 -21.24 44.54 29.53
CA LEU A 9 -21.68 43.36 28.80
C LEU A 9 -23.17 43.21 29.08
N GLN A 10 -23.98 43.32 28.04
CA GLN A 10 -25.43 43.23 28.20
C GLN A 10 -25.98 41.80 28.21
N ASP A 11 -25.46 40.97 29.10
CA ASP A 11 -25.91 39.58 29.22
C ASP A 11 -27.27 39.57 29.91
N LEU A 12 -28.33 39.69 29.10
CA LEU A 12 -29.69 39.76 29.62
C LEU A 12 -30.20 38.46 30.24
N ILE A 13 -29.58 37.33 29.89
CA ILE A 13 -29.98 36.06 30.48
C ILE A 13 -29.60 36.16 31.94
N ALA A 14 -28.42 36.71 32.20
CA ALA A 14 -27.94 36.90 33.57
C ALA A 14 -28.80 37.96 34.25
N ARG A 15 -28.94 39.09 33.59
CA ARG A 15 -29.71 40.20 34.12
C ARG A 15 -31.14 39.83 34.55
N ASP A 16 -31.87 39.15 33.68
CA ASP A 16 -33.26 38.80 33.93
C ASP A 16 -33.53 37.45 34.60
N ALA A 17 -32.47 36.76 35.02
CA ALA A 17 -32.62 35.45 35.67
C ALA A 17 -33.82 35.28 36.62
N LEU A 18 -33.91 36.14 37.64
CA LEU A 18 -35.00 36.06 38.61
C LEU A 18 -36.39 36.41 38.08
N LYS A 19 -36.46 36.87 36.83
CA LYS A 19 -37.72 37.22 36.18
C LYS A 19 -38.11 36.11 35.22
N LYS A 20 -37.26 35.09 35.19
CA LYS A 20 -37.44 33.94 34.33
C LYS A 20 -38.83 33.34 34.40
N ASN A 21 -39.23 32.92 35.60
CA ASN A 21 -40.54 32.33 35.78
C ASN A 21 -41.68 33.27 35.41
N GLU A 22 -41.54 34.53 35.80
CA GLU A 22 -42.56 35.53 35.53
C GLU A 22 -42.72 35.77 34.04
N LEU A 23 -41.60 36.06 33.38
CA LEU A 23 -41.60 36.31 31.93
C LEU A 23 -42.14 35.11 31.18
N LEU A 24 -41.82 33.92 31.66
CA LEU A 24 -42.28 32.69 31.04
C LEU A 24 -43.80 32.57 31.13
N SER A 25 -44.35 32.95 32.28
CA SER A 25 -45.79 32.91 32.47
C SER A 25 -46.46 33.92 31.53
N GLU A 26 -45.92 35.14 31.47
CA GLU A 26 -46.46 36.16 30.59
C GLU A 26 -46.37 35.71 29.12
N ALA A 27 -45.22 35.14 28.74
CA ALA A 27 -45.01 34.67 27.38
C ALA A 27 -46.03 33.63 26.96
N GLN A 28 -46.55 32.88 27.93
CA GLN A 28 -47.52 31.84 27.62
C GLN A 28 -48.96 32.18 27.99
N SER A 29 -49.19 33.45 28.33
CA SER A 29 -50.53 33.91 28.67
C SER A 29 -51.30 34.08 27.36
N SER A 30 -52.51 33.56 27.31
CA SER A 30 -53.33 33.63 26.10
C SER A 30 -53.66 35.03 25.56
N ASP A 31 -53.40 36.05 26.36
CA ASP A 31 -53.71 37.42 25.94
C ASP A 31 -52.61 38.15 25.15
N ILE A 32 -51.36 37.83 25.46
CA ILE A 32 -50.22 38.48 24.80
C ILE A 32 -50.13 38.15 23.32
N LEU A 33 -49.62 39.11 22.56
CA LEU A 33 -49.44 38.95 21.12
C LEU A 33 -48.13 38.18 20.85
N VAL A 34 -48.18 37.21 19.94
CA VAL A 34 -46.99 36.42 19.67
C VAL A 34 -46.45 36.53 18.25
N TRP A 35 -45.12 36.52 18.17
CA TRP A 35 -44.42 36.57 16.90
C TRP A 35 -43.39 35.45 16.89
N ASN A 36 -43.43 34.63 15.85
CA ASN A 36 -42.48 33.53 15.76
C ASN A 36 -41.25 34.02 15.00
N LEU A 37 -40.13 34.03 15.68
CA LEU A 37 -38.86 34.48 15.11
C LEU A 37 -38.45 33.74 13.85
N THR A 38 -38.01 34.51 12.85
CA THR A 38 -37.55 33.91 11.61
C THR A 38 -36.12 33.46 11.90
N PRO A 39 -35.57 32.57 11.08
CA PRO A 39 -34.21 32.09 11.28
C PRO A 39 -33.19 33.18 11.58
N ARG A 40 -33.06 34.17 10.69
CA ARG A 40 -32.06 35.20 10.96
C ARG A 40 -32.32 35.93 12.27
N GLN A 41 -33.60 36.08 12.61
CA GLN A 41 -33.96 36.74 13.85
C GLN A 41 -33.54 35.90 15.04
N LEU A 42 -33.58 34.57 14.91
CA LEU A 42 -33.14 33.71 16.00
C LEU A 42 -31.65 33.93 16.26
N CYS A 43 -30.89 34.16 15.20
CA CYS A 43 -29.46 34.40 15.31
C CYS A 43 -29.21 35.72 16.02
N ASP A 44 -29.89 36.75 15.54
CA ASP A 44 -29.75 38.07 16.13
C ASP A 44 -30.22 38.08 17.58
N ILE A 45 -31.43 37.58 17.83
CA ILE A 45 -31.96 37.56 19.20
C ILE A 45 -30.99 36.88 20.18
N GLU A 46 -30.24 35.87 19.72
CA GLU A 46 -29.31 35.19 20.61
C GLU A 46 -28.08 36.04 20.92
N LEU A 47 -27.65 36.84 19.95
CA LEU A 47 -26.49 37.70 20.15
C LEU A 47 -26.84 38.93 20.98
N ILE A 48 -28.12 39.28 21.02
CA ILE A 48 -28.54 40.44 21.80
C ILE A 48 -28.69 40.02 23.26
N LEU A 49 -29.37 38.90 23.49
CA LEU A 49 -29.60 38.41 24.84
C LEU A 49 -28.34 37.96 25.61
N ASN A 50 -27.31 37.48 24.91
CA ASN A 50 -26.12 37.04 25.62
C ASN A 50 -25.02 38.09 25.75
N GLY A 51 -25.28 39.29 25.24
CA GLY A 51 -24.28 40.34 25.33
C GLY A 51 -23.36 40.47 24.13
N GLY A 52 -23.50 39.56 23.16
CA GLY A 52 -22.66 39.61 21.98
C GLY A 52 -22.81 40.88 21.16
N PHE A 53 -23.96 41.54 21.29
CA PHE A 53 -24.23 42.78 20.56
C PHE A 53 -24.22 44.01 21.47
N SER A 54 -23.54 43.91 22.61
CA SER A 54 -23.48 45.04 23.55
C SER A 54 -23.00 46.23 22.76
N PRO A 55 -23.53 47.43 23.05
CA PRO A 55 -24.54 47.75 24.06
C PRO A 55 -26.01 47.45 23.77
N LEU A 56 -26.33 46.97 22.57
CA LEU A 56 -27.73 46.67 22.26
C LEU A 56 -28.45 45.86 23.35
N THR A 57 -29.73 46.13 23.53
CA THR A 57 -30.55 45.41 24.50
C THR A 57 -31.93 45.17 23.88
N GLY A 58 -31.96 45.14 22.56
CA GLY A 58 -33.21 44.92 21.84
C GLY A 58 -33.03 45.23 20.37
N PHE A 59 -34.12 45.26 19.62
CA PHE A 59 -34.04 45.58 18.20
C PHE A 59 -34.19 47.08 18.00
N LEU A 60 -33.29 47.64 17.20
CA LEU A 60 -33.25 49.07 16.93
C LEU A 60 -34.55 49.77 16.56
N ASN A 61 -34.80 50.89 17.24
CA ASN A 61 -35.97 51.69 16.95
C ASN A 61 -35.58 52.54 15.73
N GLU A 62 -36.53 53.26 15.15
CA GLU A 62 -36.22 54.04 13.96
C GLU A 62 -35.08 55.04 14.16
N ASN A 63 -35.02 55.64 15.34
CA ASN A 63 -33.99 56.62 15.65
C ASN A 63 -32.59 56.01 15.58
N ASP A 64 -32.39 54.90 16.27
CA ASP A 64 -31.10 54.23 16.26
C ASP A 64 -30.85 53.58 14.90
N TYR A 65 -31.91 53.06 14.29
CA TYR A 65 -31.80 52.40 13.00
C TYR A 65 -31.28 53.31 11.90
N SER A 66 -31.89 54.49 11.77
CA SER A 66 -31.48 55.44 10.74
C SER A 66 -30.11 56.02 11.04
N SER A 67 -29.79 56.15 12.32
CA SER A 67 -28.50 56.66 12.70
C SER A 67 -27.40 55.69 12.26
N VAL A 68 -27.72 54.40 12.24
CA VAL A 68 -26.78 53.37 11.83
C VAL A 68 -26.66 53.31 10.31
N VAL A 69 -27.78 53.50 9.62
CA VAL A 69 -27.79 53.47 8.16
C VAL A 69 -26.95 54.61 7.58
N THR A 70 -27.17 55.81 8.11
CA THR A 70 -26.45 56.98 7.61
C THR A 70 -25.20 57.39 8.39
N ASP A 71 -25.04 56.90 9.62
CA ASP A 71 -23.88 57.27 10.43
C ASP A 71 -22.97 56.17 10.94
N SER A 72 -23.30 54.91 10.68
CA SER A 72 -22.48 53.82 11.19
C SER A 72 -22.36 53.97 12.69
N ARG A 73 -23.36 54.60 13.29
CA ARG A 73 -23.39 54.82 14.74
C ARG A 73 -24.80 54.79 15.26
N LEU A 74 -24.93 54.44 16.53
CA LEU A 74 -26.23 54.42 17.19
C LEU A 74 -26.49 55.89 17.42
N ALA A 75 -27.74 56.22 17.72
CA ALA A 75 -28.10 57.62 17.96
C ALA A 75 -27.20 58.30 18.99
N ASP A 76 -26.75 57.56 20.00
CA ASP A 76 -25.89 58.13 21.04
C ASP A 76 -24.42 58.22 20.65
N GLY A 77 -24.12 57.98 19.37
CA GLY A 77 -22.74 58.07 18.93
C GLY A 77 -21.92 56.79 18.99
N THR A 78 -22.42 55.75 19.66
CA THR A 78 -21.68 54.50 19.75
C THR A 78 -21.46 53.89 18.36
N LEU A 79 -20.22 53.52 18.07
CA LEU A 79 -19.89 52.93 16.77
C LEU A 79 -20.62 51.59 16.51
N TRP A 80 -21.50 51.56 15.51
CA TRP A 80 -22.25 50.36 15.17
C TRP A 80 -22.65 50.40 13.69
N THR A 81 -22.07 49.52 12.88
CA THR A 81 -22.31 49.51 11.43
C THR A 81 -23.45 48.70 10.83
N ILE A 82 -23.87 47.62 11.47
CA ILE A 82 -24.93 46.78 10.90
C ILE A 82 -26.24 46.93 11.66
N PRO A 83 -27.32 47.30 10.96
CA PRO A 83 -28.61 47.47 11.64
C PRO A 83 -29.25 46.15 12.05
N ILE A 84 -29.56 46.03 13.33
CA ILE A 84 -30.21 44.82 13.83
C ILE A 84 -31.66 45.19 14.14
N THR A 85 -32.57 44.74 13.29
CA THR A 85 -33.98 45.04 13.45
C THR A 85 -34.89 43.82 13.41
N LEU A 86 -36.10 43.99 13.93
CA LEU A 86 -37.10 42.92 13.94
C LEU A 86 -38.07 43.24 12.81
N ASP A 87 -37.92 42.53 11.70
CA ASP A 87 -38.77 42.73 10.53
C ASP A 87 -40.04 41.89 10.56
N VAL A 88 -41.20 42.53 10.40
CA VAL A 88 -42.48 41.82 10.40
C VAL A 88 -43.32 42.26 9.20
N ASP A 89 -44.48 41.62 9.02
CA ASP A 89 -45.38 41.98 7.91
C ASP A 89 -46.48 42.96 8.34
N GLU A 90 -47.07 43.64 7.36
CA GLU A 90 -48.13 44.62 7.61
C GLU A 90 -49.20 44.09 8.55
N ALA A 91 -49.64 42.86 8.32
CA ALA A 91 -50.67 42.22 9.12
C ALA A 91 -50.30 42.26 10.60
N PHE A 92 -49.07 41.86 10.92
CA PHE A 92 -48.65 41.85 12.31
C PHE A 92 -48.38 43.25 12.84
N ALA A 93 -47.70 44.06 12.02
CA ALA A 93 -47.36 45.42 12.42
C ALA A 93 -48.58 46.21 12.89
N ASN A 94 -49.72 45.96 12.23
CA ASN A 94 -50.97 46.64 12.53
C ASN A 94 -51.61 46.31 13.87
N GLN A 95 -51.18 45.22 14.49
CA GLN A 95 -51.75 44.81 15.76
C GLN A 95 -50.98 45.36 16.96
N ILE A 96 -49.90 46.08 16.70
CA ILE A 96 -49.08 46.60 17.80
C ILE A 96 -48.89 48.12 17.80
N LYS A 97 -48.76 48.66 19.01
CA LYS A 97 -48.55 50.09 19.20
C LYS A 97 -47.45 50.21 20.25
N PRO A 98 -46.89 51.41 20.44
CA PRO A 98 -45.83 51.49 21.46
C PRO A 98 -46.38 51.14 22.84
N ASP A 99 -45.49 50.67 23.71
CA ASP A 99 -45.84 50.27 25.07
C ASP A 99 -46.39 48.84 25.13
N THR A 100 -46.70 48.28 23.96
CA THR A 100 -47.22 46.90 23.89
C THR A 100 -46.09 45.92 24.18
N ARG A 101 -46.46 44.75 24.70
CA ARG A 101 -45.49 43.70 25.01
C ARG A 101 -45.76 42.48 24.14
N ILE A 102 -44.78 42.11 23.33
CA ILE A 102 -44.91 40.96 22.44
C ILE A 102 -44.07 39.79 22.93
N ALA A 103 -44.59 38.58 22.75
CA ALA A 103 -43.86 37.38 23.16
C ALA A 103 -43.15 36.83 21.93
N LEU A 104 -41.84 36.70 22.01
CA LEU A 104 -41.09 36.17 20.87
C LEU A 104 -40.78 34.67 21.04
N PHE A 105 -41.33 33.88 20.13
CA PHE A 105 -41.17 32.43 20.17
C PHE A 105 -40.25 31.86 19.10
N GLN A 106 -39.82 30.61 19.35
CA GLN A 106 -38.99 29.86 18.43
C GLN A 106 -39.80 28.61 18.09
N ASP A 107 -40.03 28.37 16.81
CA ASP A 107 -40.79 27.19 16.36
C ASP A 107 -42.20 27.20 16.94
N ASP A 108 -42.76 28.40 17.09
CA ASP A 108 -44.08 28.58 17.66
C ASP A 108 -44.26 27.61 18.82
N GLU A 109 -43.31 27.60 19.73
CA GLU A 109 -43.38 26.69 20.85
C GLU A 109 -42.48 27.09 22.01
N ILE A 110 -41.24 27.48 21.72
CA ILE A 110 -40.31 27.88 22.78
C ILE A 110 -40.29 29.40 22.94
N PRO A 111 -40.75 29.91 24.09
CA PRO A 111 -40.76 31.35 24.31
C PRO A 111 -39.34 31.84 24.57
N ILE A 112 -38.85 32.72 23.72
CA ILE A 112 -37.49 33.24 23.85
C ILE A 112 -37.36 34.51 24.71
N ALA A 113 -38.20 35.50 24.45
CA ALA A 113 -38.13 36.74 25.21
C ALA A 113 -39.39 37.56 25.05
N ILE A 114 -39.42 38.66 25.81
CA ILE A 114 -40.53 39.58 25.76
C ILE A 114 -39.98 40.91 25.26
N LEU A 115 -40.53 41.38 24.16
CA LEU A 115 -40.11 42.64 23.56
C LEU A 115 -41.10 43.74 23.93
N THR A 116 -40.61 44.85 24.47
CA THR A 116 -41.49 45.96 24.82
C THR A 116 -41.38 46.98 23.67
N VAL A 117 -42.48 47.15 22.95
CA VAL A 117 -42.50 48.02 21.78
C VAL A 117 -42.20 49.49 22.03
N GLN A 118 -41.31 50.04 21.22
CA GLN A 118 -40.95 51.45 21.29
C GLN A 118 -41.53 52.14 20.06
N ASP A 119 -41.55 51.44 18.93
CA ASP A 119 -42.12 51.99 17.72
C ASP A 119 -42.24 50.94 16.60
N VAL A 120 -43.06 51.26 15.60
CA VAL A 120 -43.27 50.39 14.46
C VAL A 120 -43.13 51.29 13.24
N TYR A 121 -42.11 51.05 12.42
CA TYR A 121 -41.91 51.86 11.24
C TYR A 121 -41.70 51.06 9.96
N LYS A 122 -41.86 51.72 8.82
CA LYS A 122 -41.68 51.07 7.54
C LYS A 122 -40.42 51.64 6.90
N PRO A 123 -39.28 50.95 7.05
CA PRO A 123 -38.01 51.40 6.49
C PRO A 123 -38.00 51.49 4.96
N ASN A 124 -37.16 52.39 4.44
CA ASN A 124 -37.00 52.55 3.00
C ASN A 124 -35.88 51.56 2.69
N LYS A 125 -36.27 50.35 2.27
CA LYS A 125 -35.28 49.34 1.97
C LYS A 125 -34.23 49.72 0.92
N THR A 126 -34.57 50.66 0.04
CA THR A 126 -33.63 51.08 -0.99
C THR A 126 -32.43 51.82 -0.39
N ILE A 127 -32.70 52.64 0.61
CA ILE A 127 -31.65 53.40 1.30
C ILE A 127 -30.74 52.46 2.09
N GLU A 128 -31.37 51.59 2.88
CA GLU A 128 -30.63 50.63 3.68
C GLU A 128 -29.76 49.82 2.74
N ALA A 129 -30.34 49.38 1.62
CA ALA A 129 -29.62 48.59 0.62
C ALA A 129 -28.41 49.34 0.07
N GLU A 130 -28.60 50.60 -0.26
CA GLU A 130 -27.53 51.41 -0.82
C GLU A 130 -26.50 51.91 0.17
N ARG A 131 -26.95 52.50 1.28
CA ARG A 131 -26.02 53.03 2.29
C ARG A 131 -25.32 51.97 3.13
N VAL A 132 -26.01 50.88 3.43
CA VAL A 132 -25.43 49.83 4.24
C VAL A 132 -24.75 48.71 3.44
N PHE A 133 -25.37 48.27 2.35
CA PHE A 133 -24.81 47.18 1.59
C PHE A 133 -24.24 47.51 0.22
N ARG A 134 -24.16 48.81 -0.08
CA ARG A 134 -23.62 49.31 -1.34
C ARG A 134 -24.52 49.22 -2.59
N GLY A 135 -25.79 48.91 -2.40
CA GLY A 135 -26.72 48.89 -3.52
C GLY A 135 -26.86 47.77 -4.55
N ASP A 136 -25.81 47.02 -4.85
CA ASP A 136 -25.92 45.97 -5.86
C ASP A 136 -27.01 44.95 -5.50
N PRO A 137 -28.01 44.78 -6.38
CA PRO A 137 -29.14 43.85 -6.20
C PRO A 137 -28.80 42.38 -6.01
N GLU A 138 -27.57 42.01 -6.34
CA GLU A 138 -27.14 40.62 -6.19
C GLU A 138 -26.49 40.39 -4.84
N HIS A 139 -26.17 41.49 -4.15
CA HIS A 139 -25.56 41.40 -2.83
C HIS A 139 -26.50 40.59 -1.91
N PRO A 140 -25.97 39.55 -1.23
CA PRO A 140 -26.76 38.70 -0.33
C PRO A 140 -27.65 39.43 0.68
N ALA A 141 -27.13 40.49 1.30
CA ALA A 141 -27.92 41.22 2.28
C ALA A 141 -29.06 41.99 1.65
N ILE A 142 -28.85 42.45 0.42
CA ILE A 142 -29.87 43.22 -0.30
C ILE A 142 -30.97 42.31 -0.84
N SER A 143 -30.59 41.13 -1.29
CA SER A 143 -31.57 40.18 -1.80
C SER A 143 -32.43 39.69 -0.64
N TYR A 144 -31.83 39.54 0.52
CA TYR A 144 -32.56 39.09 1.69
C TYR A 144 -33.53 40.22 2.09
N LEU A 145 -33.01 41.43 2.17
CA LEU A 145 -33.80 42.58 2.55
C LEU A 145 -35.05 42.78 1.70
N PHE A 146 -34.97 42.49 0.41
CA PHE A 146 -36.13 42.67 -0.47
C PHE A 146 -36.99 41.44 -0.71
N ASN A 147 -36.42 40.24 -0.54
CA ASN A 147 -37.17 39.03 -0.80
C ASN A 147 -37.55 38.18 0.41
N VAL A 148 -36.93 38.42 1.56
CA VAL A 148 -37.22 37.62 2.74
C VAL A 148 -37.65 38.46 3.94
N ALA A 149 -37.00 39.59 4.13
CA ALA A 149 -37.29 40.46 5.26
C ALA A 149 -38.68 41.11 5.22
N GLY A 150 -39.25 41.33 6.40
CA GLY A 150 -40.55 41.96 6.50
C GLY A 150 -40.40 43.42 6.10
N ASP A 151 -41.49 44.06 5.71
CA ASP A 151 -41.43 45.45 5.30
C ASP A 151 -41.61 46.42 6.45
N TYR A 152 -41.82 45.88 7.64
CA TYR A 152 -42.01 46.70 8.83
C TYR A 152 -41.03 46.28 9.93
N TYR A 153 -40.44 47.26 10.60
CA TYR A 153 -39.51 47.00 11.68
C TYR A 153 -40.15 47.37 13.00
N VAL A 154 -39.84 46.62 14.05
CA VAL A 154 -40.41 46.90 15.35
C VAL A 154 -39.30 47.17 16.36
N GLY A 155 -39.02 48.44 16.62
CA GLY A 155 -38.01 48.79 17.60
C GLY A 155 -38.57 48.49 18.99
N GLY A 156 -37.70 48.08 19.92
CA GLY A 156 -38.17 47.77 21.25
C GLY A 156 -37.12 47.06 22.08
N SER A 157 -37.27 47.10 23.39
CA SER A 157 -36.33 46.46 24.31
C SER A 157 -36.69 45.03 24.68
N LEU A 158 -35.66 44.24 24.94
CA LEU A 158 -35.86 42.84 25.31
C LEU A 158 -35.68 42.51 26.78
N GLU A 159 -36.33 41.42 27.18
CA GLU A 159 -36.25 40.86 28.52
C GLU A 159 -36.12 39.39 28.14
N ALA A 160 -34.98 38.81 28.46
CA ALA A 160 -34.69 37.42 28.10
C ALA A 160 -35.37 36.31 28.90
N ILE A 161 -35.87 35.30 28.20
CA ILE A 161 -36.46 34.13 28.85
C ILE A 161 -35.42 33.02 28.72
N GLN A 162 -34.81 32.91 27.53
CA GLN A 162 -33.78 31.92 27.25
C GLN A 162 -33.25 32.10 25.85
N LEU A 163 -31.98 31.74 25.64
CA LEU A 163 -31.36 31.85 24.31
C LEU A 163 -32.01 30.82 23.41
N PRO A 164 -31.99 31.06 22.09
CA PRO A 164 -32.59 30.10 21.17
C PRO A 164 -32.05 28.68 21.33
N GLN A 165 -32.94 27.71 21.22
CA GLN A 165 -32.63 26.30 21.38
C GLN A 165 -31.75 25.69 20.29
N HIS A 166 -30.75 24.91 20.70
CA HIS A 166 -29.84 24.24 19.80
C HIS A 166 -29.52 22.87 20.38
N TYR A 167 -29.67 21.82 19.58
CA TYR A 167 -29.38 20.49 20.09
C TYR A 167 -28.05 19.94 19.59
N ASP A 168 -27.38 20.69 18.72
CA ASP A 168 -26.09 20.29 18.19
C ASP A 168 -24.98 21.14 18.80
N TYR A 169 -23.86 20.50 19.13
CA TYR A 169 -22.70 21.18 19.70
C TYR A 169 -23.01 21.96 20.98
N PRO A 170 -23.75 21.36 21.92
CA PRO A 170 -24.10 22.02 23.18
C PRO A 170 -22.91 22.60 23.92
N GLY A 171 -21.77 21.92 23.86
CA GLY A 171 -20.63 22.43 24.59
C GLY A 171 -19.87 23.55 23.89
N LEU A 172 -19.93 23.59 22.56
CA LEU A 172 -19.18 24.56 21.82
C LEU A 172 -19.75 25.97 21.62
N ARG A 173 -21.06 26.15 21.72
CA ARG A 173 -21.64 27.48 21.51
C ARG A 173 -21.48 28.35 22.75
N LYS A 174 -20.23 28.70 23.06
CA LYS A 174 -19.93 29.52 24.23
C LYS A 174 -20.46 30.95 24.14
N THR A 175 -20.98 31.45 25.25
CA THR A 175 -21.51 32.81 25.31
C THR A 175 -20.34 33.71 25.72
N PRO A 176 -20.46 35.02 25.48
CA PRO A 176 -19.37 35.93 25.86
C PRO A 176 -18.88 35.68 27.30
N ALA A 177 -19.84 35.60 28.23
CA ALA A 177 -19.49 35.36 29.62
C ALA A 177 -18.73 34.04 29.78
N GLN A 178 -19.24 32.99 29.14
CA GLN A 178 -18.58 31.68 29.22
C GLN A 178 -17.19 31.68 28.58
N LEU A 179 -17.05 32.33 27.43
CA LEU A 179 -15.74 32.37 26.78
C LEU A 179 -14.74 33.08 27.68
N ARG A 180 -15.16 34.22 28.23
CA ARG A 180 -14.29 34.98 29.10
C ARG A 180 -13.79 34.10 30.26
N LEU A 181 -14.69 33.30 30.82
CA LEU A 181 -14.32 32.40 31.90
C LEU A 181 -13.32 31.37 31.37
N GLU A 182 -13.59 30.88 30.17
CA GLU A 182 -12.70 29.90 29.53
C GLU A 182 -11.29 30.44 29.48
N PHE A 183 -11.16 31.66 28.96
CA PHE A 183 -9.86 32.28 28.82
C PHE A 183 -9.20 32.48 30.18
N GLN A 184 -10.00 32.91 31.16
CA GLN A 184 -9.48 33.14 32.50
C GLN A 184 -8.94 31.88 33.14
N SER A 185 -9.74 30.82 33.18
CA SER A 185 -9.30 29.57 33.78
C SER A 185 -7.96 29.16 33.20
N ARG A 186 -7.67 29.66 32.00
CA ARG A 186 -6.42 29.35 31.34
C ARG A 186 -5.39 30.47 31.47
N GLN A 187 -5.80 31.58 32.09
CA GLN A 187 -4.92 32.72 32.26
C GLN A 187 -4.54 33.32 30.92
N TRP A 188 -5.52 33.37 30.03
CA TRP A 188 -5.31 33.95 28.72
C TRP A 188 -5.76 35.39 28.75
N ASP A 189 -4.80 36.31 28.65
CA ASP A 189 -5.12 37.73 28.67
C ASP A 189 -4.89 38.35 27.29
N ARG A 190 -4.36 37.54 26.38
CA ARG A 190 -4.12 37.96 25.01
C ARG A 190 -4.68 36.84 24.12
N VAL A 191 -5.71 37.17 23.35
CA VAL A 191 -6.34 36.19 22.48
C VAL A 191 -6.70 36.82 21.15
N VAL A 192 -6.16 36.28 20.06
CA VAL A 192 -6.50 36.81 18.76
C VAL A 192 -7.56 35.93 18.13
N ALA A 193 -8.70 36.52 17.82
CA ALA A 193 -9.83 35.80 17.23
C ALA A 193 -9.78 35.75 15.71
N PHE A 194 -10.22 34.62 15.15
CA PHE A 194 -10.26 34.40 13.71
C PHE A 194 -11.69 34.12 13.25
N GLN A 195 -12.24 35.03 12.47
CA GLN A 195 -13.59 34.89 11.94
C GLN A 195 -13.52 33.96 10.72
N THR A 196 -14.63 33.30 10.42
CA THR A 196 -14.68 32.42 9.25
C THR A 196 -16.04 31.79 9.00
N ARG A 197 -16.31 31.49 7.73
CA ARG A 197 -17.55 30.86 7.32
C ARG A 197 -17.22 29.76 6.30
N ASN A 198 -15.93 29.52 6.10
CA ASN A 198 -15.46 28.50 5.17
C ASN A 198 -14.60 27.51 5.89
N PRO A 199 -14.36 26.36 5.26
CA PRO A 199 -13.51 25.38 5.94
C PRO A 199 -12.08 25.92 5.95
N MET A 200 -11.33 25.63 7.00
CA MET A 200 -9.97 26.12 7.08
C MET A 200 -9.01 25.18 6.38
N HIS A 201 -8.16 25.76 5.53
CA HIS A 201 -7.15 25.00 4.81
C HIS A 201 -5.78 25.42 5.33
N ARG A 202 -4.73 24.89 4.72
CA ARG A 202 -3.38 25.21 5.16
C ARG A 202 -3.06 26.71 5.25
N ALA A 203 -3.54 27.49 4.29
CA ALA A 203 -3.25 28.93 4.30
C ALA A 203 -3.74 29.56 5.60
N HIS A 204 -4.98 29.24 5.96
CA HIS A 204 -5.59 29.74 7.17
C HIS A 204 -4.83 29.33 8.44
N ARG A 205 -4.46 28.06 8.54
CA ARG A 205 -3.72 27.58 9.71
C ARG A 205 -2.46 28.43 9.88
N GLU A 206 -1.74 28.65 8.78
CA GLU A 206 -0.53 29.46 8.82
C GLU A 206 -0.85 30.90 9.18
N LEU A 207 -1.92 31.42 8.58
CA LEU A 207 -2.36 32.78 8.83
C LEU A 207 -2.61 32.97 10.32
N THR A 208 -3.43 32.10 10.90
CA THR A 208 -3.76 32.19 12.32
C THR A 208 -2.55 32.04 13.23
N VAL A 209 -1.62 31.17 12.87
CA VAL A 209 -0.43 30.98 13.70
C VAL A 209 0.48 32.19 13.63
N ARG A 210 0.64 32.74 12.43
CA ARG A 210 1.45 33.94 12.26
C ARG A 210 0.87 35.01 13.18
N ALA A 211 -0.46 35.14 13.19
CA ALA A 211 -1.13 36.12 14.02
C ALA A 211 -0.83 35.88 15.49
N ALA A 212 -0.91 34.61 15.91
CA ALA A 212 -0.63 34.28 17.30
C ALA A 212 0.77 34.73 17.67
N ARG A 213 1.69 34.54 16.73
CA ARG A 213 3.08 34.91 16.93
C ARG A 213 3.30 36.44 16.88
N GLU A 214 2.64 37.10 15.94
CA GLU A 214 2.76 38.55 15.82
C GLU A 214 2.22 39.24 17.09
N ALA A 215 1.01 38.85 17.47
CA ALA A 215 0.34 39.45 18.63
C ALA A 215 0.78 38.88 19.96
N ASN A 216 1.54 37.79 19.93
CA ASN A 216 1.99 37.19 21.18
C ASN A 216 0.75 36.83 21.96
N ALA A 217 -0.21 36.20 21.29
CA ALA A 217 -1.48 35.84 21.90
C ALA A 217 -1.94 34.44 21.52
N LYS A 218 -2.84 33.89 22.33
CA LYS A 218 -3.40 32.58 22.07
C LYS A 218 -4.42 32.71 20.93
N VAL A 219 -4.71 31.59 20.25
CA VAL A 219 -5.64 31.60 19.13
C VAL A 219 -7.07 31.18 19.46
N LEU A 220 -8.03 31.97 18.98
CA LEU A 220 -9.44 31.65 19.17
C LEU A 220 -10.09 31.44 17.79
N ILE A 221 -10.41 30.19 17.46
CA ILE A 221 -11.08 29.91 16.19
C ILE A 221 -12.55 30.19 16.51
N HIS A 222 -13.08 31.29 16.00
CA HIS A 222 -14.46 31.68 16.29
C HIS A 222 -15.37 31.65 15.04
N PRO A 223 -15.63 30.48 14.47
CA PRO A 223 -16.47 30.37 13.28
C PRO A 223 -17.97 30.64 13.42
N VAL A 224 -18.56 31.09 12.32
CA VAL A 224 -19.99 31.39 12.26
C VAL A 224 -20.80 30.12 11.92
N VAL A 225 -21.77 29.81 12.78
CA VAL A 225 -22.63 28.65 12.56
C VAL A 225 -24.08 29.09 12.59
N GLY A 226 -24.28 30.40 12.46
CA GLY A 226 -25.61 30.96 12.48
C GLY A 226 -26.20 31.05 11.09
N LEU A 227 -25.61 31.88 10.23
CA LEU A 227 -26.09 32.06 8.87
C LEU A 227 -25.01 32.80 8.09
N THR A 228 -24.60 32.22 6.98
CA THR A 228 -23.55 32.83 6.16
C THR A 228 -23.97 33.11 4.73
N LYS A 229 -23.05 32.97 3.79
CA LYS A 229 -23.33 33.21 2.38
C LYS A 229 -24.07 32.03 1.76
N PRO A 230 -25.12 32.30 0.97
CA PRO A 230 -25.86 31.20 0.34
C PRO A 230 -24.92 30.33 -0.48
N GLY A 231 -25.06 29.02 -0.35
CA GLY A 231 -24.19 28.12 -1.09
C GLY A 231 -22.95 27.73 -0.31
N ASP A 232 -22.77 28.30 0.87
CA ASP A 232 -21.62 27.96 1.69
C ASP A 232 -21.71 26.52 2.13
N ILE A 233 -20.62 25.98 2.68
CA ILE A 233 -20.60 24.62 3.20
C ILE A 233 -21.40 24.68 4.50
N ASP A 234 -22.29 23.72 4.72
CA ASP A 234 -23.10 23.72 5.94
C ASP A 234 -22.17 23.78 7.15
N HIS A 235 -22.67 24.28 8.27
CA HIS A 235 -21.81 24.40 9.43
C HIS A 235 -21.42 23.08 10.08
N HIS A 236 -22.26 22.06 9.97
CA HIS A 236 -21.94 20.76 10.57
C HIS A 236 -20.62 20.25 9.98
N THR A 237 -20.52 20.29 8.66
CA THR A 237 -19.33 19.86 7.97
C THR A 237 -18.15 20.74 8.42
N ARG A 238 -18.34 22.05 8.36
CA ARG A 238 -17.30 22.96 8.79
C ARG A 238 -16.85 22.72 10.23
N VAL A 239 -17.77 22.48 11.14
CA VAL A 239 -17.38 22.20 12.51
C VAL A 239 -16.48 20.97 12.53
N ARG A 240 -16.86 19.93 11.78
CA ARG A 240 -16.04 18.72 11.73
C ARG A 240 -14.65 19.08 11.21
N VAL A 241 -14.61 19.97 10.22
CA VAL A 241 -13.33 20.39 9.67
C VAL A 241 -12.52 21.15 10.73
N TYR A 242 -13.16 22.10 11.41
CA TYR A 242 -12.48 22.89 12.43
C TYR A 242 -11.94 21.99 13.54
N GLN A 243 -12.79 21.12 14.06
CA GLN A 243 -12.35 20.22 15.12
C GLN A 243 -11.15 19.40 14.64
N GLU A 244 -11.12 19.10 13.36
CA GLU A 244 -10.04 18.32 12.79
C GLU A 244 -8.74 19.12 12.64
N ILE A 245 -8.86 20.32 12.08
CA ILE A 245 -7.70 21.16 11.86
C ILE A 245 -7.11 21.74 13.16
N ILE A 246 -7.93 21.90 14.19
CA ILE A 246 -7.48 22.44 15.47
C ILE A 246 -6.35 21.60 16.04
N LYS A 247 -6.33 20.32 15.65
CA LYS A 247 -5.33 19.38 16.13
C LYS A 247 -3.96 19.60 15.50
N ARG A 248 -3.90 20.45 14.48
CA ARG A 248 -2.64 20.72 13.81
C ARG A 248 -1.95 21.92 14.46
N TYR A 249 -2.53 22.42 15.54
CA TYR A 249 -1.95 23.54 16.27
C TYR A 249 -1.17 22.97 17.43
N PRO A 250 -0.12 23.67 17.87
CA PRO A 250 0.60 23.09 19.00
C PRO A 250 -0.35 22.99 20.20
N ASN A 251 -0.14 21.97 21.01
CA ASN A 251 -0.95 21.73 22.20
C ASN A 251 -1.19 22.95 23.08
N GLY A 252 -2.46 23.26 23.32
CA GLY A 252 -2.83 24.36 24.17
C GLY A 252 -2.57 25.76 23.67
N ILE A 253 -2.65 25.96 22.37
CA ILE A 253 -2.41 27.30 21.84
C ILE A 253 -3.70 27.89 21.23
N ALA A 254 -4.65 27.01 20.90
CA ALA A 254 -5.90 27.42 20.28
C ALA A 254 -7.14 26.88 20.99
N PHE A 255 -8.24 27.63 20.90
CA PHE A 255 -9.51 27.27 21.51
C PHE A 255 -10.60 27.42 20.45
N LEU A 256 -11.56 26.51 20.46
CA LEU A 256 -12.61 26.58 19.46
C LEU A 256 -13.94 26.96 20.12
N SER A 257 -14.64 27.90 19.51
CA SER A 257 -15.93 28.32 20.01
C SER A 257 -16.81 28.70 18.82
N LEU A 258 -18.03 28.18 18.80
CA LEU A 258 -18.98 28.46 17.73
C LEU A 258 -19.78 29.75 17.97
N LEU A 259 -19.82 30.60 16.96
CA LEU A 259 -20.55 31.86 17.04
C LEU A 259 -21.84 31.77 16.22
N PRO A 260 -23.00 31.85 16.90
CA PRO A 260 -24.30 31.77 16.23
C PRO A 260 -24.71 33.09 15.59
N LEU A 261 -23.78 33.67 14.84
CA LEU A 261 -24.02 34.93 14.17
C LEU A 261 -24.66 34.75 12.82
N ALA A 262 -25.47 35.72 12.41
CA ALA A 262 -26.12 35.72 11.11
C ALA A 262 -25.43 36.81 10.30
N MET A 263 -24.43 36.44 9.52
CA MET A 263 -23.71 37.39 8.70
C MET A 263 -24.59 38.09 7.69
N ARG A 264 -24.09 39.21 7.17
CA ARG A 264 -24.79 39.96 6.15
C ARG A 264 -23.89 40.02 4.92
N MET A 265 -22.68 39.48 5.05
CA MET A 265 -21.69 39.49 3.98
C MET A 265 -21.49 40.95 3.60
N SER A 266 -21.46 41.82 4.59
CA SER A 266 -21.32 43.24 4.36
C SER A 266 -19.88 43.78 4.37
N GLY A 267 -18.96 43.04 3.79
CA GLY A 267 -17.57 43.47 3.71
C GLY A 267 -17.05 44.36 4.82
N ASP A 268 -16.57 45.55 4.45
CA ASP A 268 -15.99 46.46 5.43
C ASP A 268 -16.84 46.76 6.65
N ARG A 269 -18.13 47.09 6.46
CA ARG A 269 -19.00 47.38 7.59
C ARG A 269 -19.08 46.17 8.53
N GLU A 270 -19.29 45.01 7.94
CA GLU A 270 -19.38 43.79 8.72
C GLU A 270 -18.08 43.57 9.50
N ALA A 271 -16.95 43.89 8.87
CA ALA A 271 -15.65 43.72 9.52
C ALA A 271 -15.66 44.49 10.84
N VAL A 272 -16.09 45.74 10.78
CA VAL A 272 -16.16 46.61 11.96
C VAL A 272 -17.04 45.93 12.99
N TRP A 273 -18.20 45.50 12.53
CA TRP A 273 -19.19 44.82 13.34
C TRP A 273 -18.59 43.56 14.00
N HIS A 274 -17.88 42.75 13.21
CA HIS A 274 -17.26 41.53 13.70
C HIS A 274 -16.28 41.85 14.82
N ALA A 275 -15.50 42.89 14.62
CA ALA A 275 -14.51 43.29 15.61
C ALA A 275 -15.20 43.65 16.92
N ILE A 276 -16.28 44.40 16.83
CA ILE A 276 -17.05 44.80 18.02
C ILE A 276 -17.57 43.55 18.70
N ILE A 277 -18.07 42.63 17.91
CA ILE A 277 -18.61 41.38 18.44
C ILE A 277 -17.54 40.55 19.14
N ARG A 278 -16.38 40.40 18.50
CA ARG A 278 -15.33 39.61 19.12
C ARG A 278 -14.82 40.28 20.38
N LYS A 279 -14.83 41.61 20.41
CA LYS A 279 -14.38 42.32 21.60
C LYS A 279 -15.34 41.93 22.73
N ASN A 280 -16.65 42.05 22.51
CA ASN A 280 -17.63 41.68 23.53
C ASN A 280 -17.36 40.26 24.05
N TYR A 281 -16.94 39.37 23.14
CA TYR A 281 -16.66 37.97 23.51
C TYR A 281 -15.36 37.71 24.24
N GLY A 282 -14.57 38.75 24.52
CA GLY A 282 -13.33 38.54 25.24
C GLY A 282 -12.01 38.56 24.48
N ALA A 283 -12.06 38.71 23.17
CA ALA A 283 -10.84 38.73 22.36
C ALA A 283 -10.11 40.07 22.55
N SER A 284 -8.78 40.03 22.46
CA SER A 284 -7.97 41.26 22.59
C SER A 284 -7.43 41.66 21.22
N HIS A 285 -7.53 40.73 20.26
CA HIS A 285 -7.09 40.93 18.88
C HIS A 285 -8.07 40.26 17.91
N PHE A 286 -8.22 40.88 16.74
CA PHE A 286 -9.11 40.35 15.72
C PHE A 286 -8.42 40.43 14.35
N ILE A 287 -8.40 39.30 13.64
CA ILE A 287 -7.79 39.22 12.32
C ILE A 287 -8.70 39.79 11.22
N VAL A 288 -8.11 40.44 10.24
CA VAL A 288 -8.89 40.98 9.13
C VAL A 288 -8.03 40.80 7.88
N GLY A 289 -8.32 39.74 7.13
CA GLY A 289 -7.57 39.45 5.93
C GLY A 289 -8.16 40.07 4.69
N ARG A 290 -7.90 39.44 3.54
CA ARG A 290 -8.38 39.93 2.25
C ARG A 290 -9.87 39.69 2.05
N ASP A 291 -10.56 40.70 1.53
CA ASP A 291 -11.99 40.62 1.28
C ASP A 291 -12.74 40.01 2.47
N HIS A 292 -12.47 40.56 3.65
CA HIS A 292 -13.09 40.10 4.90
C HIS A 292 -14.59 40.35 4.81
N ALA A 293 -15.37 39.29 5.03
CA ALA A 293 -16.83 39.34 4.99
C ALA A 293 -17.38 39.77 3.63
N GLY A 294 -16.57 39.60 2.58
CA GLY A 294 -16.99 39.99 1.25
C GLY A 294 -17.63 38.85 0.47
N PRO A 295 -18.67 39.13 -0.32
CA PRO A 295 -19.34 38.09 -1.11
C PRO A 295 -18.76 37.88 -2.50
N GLY A 296 -17.50 38.24 -2.69
CA GLY A 296 -16.87 38.07 -3.98
C GLY A 296 -17.32 39.05 -5.06
N LYS A 297 -17.62 38.53 -6.25
CA LYS A 297 -18.04 39.36 -7.37
C LYS A 297 -19.48 39.06 -7.77
N ASN A 298 -20.09 40.01 -8.49
CA ASN A 298 -21.46 39.83 -8.98
C ASN A 298 -21.40 39.14 -10.33
N SER A 299 -22.56 38.83 -10.91
CA SER A 299 -22.62 38.14 -12.20
C SER A 299 -21.80 38.82 -13.32
N LYS A 300 -21.53 40.11 -13.14
CA LYS A 300 -20.76 40.87 -14.14
C LYS A 300 -19.27 40.75 -13.93
N GLY A 301 -18.85 40.07 -12.87
CA GLY A 301 -17.44 39.91 -12.59
C GLY A 301 -16.81 41.02 -11.77
N VAL A 302 -17.62 42.00 -11.37
CA VAL A 302 -17.13 43.11 -10.56
C VAL A 302 -17.26 42.86 -9.04
N ASP A 303 -16.24 43.28 -8.30
CA ASP A 303 -16.14 43.13 -6.84
C ASP A 303 -17.22 43.86 -6.04
N PHE A 304 -17.79 43.19 -5.04
CA PHE A 304 -18.78 43.86 -4.21
C PHE A 304 -18.02 44.86 -3.32
N TYR A 305 -16.80 44.49 -2.95
CA TYR A 305 -15.91 45.33 -2.14
C TYR A 305 -14.48 45.16 -2.62
N GLY A 306 -13.65 46.17 -2.37
CA GLY A 306 -12.25 46.09 -2.74
C GLY A 306 -11.64 45.06 -1.82
N PRO A 307 -10.65 44.28 -2.28
CA PRO A 307 -10.03 43.27 -1.42
C PRO A 307 -9.51 43.76 -0.07
N TYR A 308 -9.39 45.07 0.11
CA TYR A 308 -8.91 45.61 1.36
C TYR A 308 -9.72 46.78 1.91
N ASP A 309 -10.96 46.89 1.48
CA ASP A 309 -11.84 47.95 1.97
C ASP A 309 -12.06 47.76 3.48
N ALA A 310 -12.32 46.51 3.87
CA ALA A 310 -12.56 46.19 5.27
C ALA A 310 -11.40 46.65 6.14
N GLN A 311 -10.18 46.35 5.69
CA GLN A 311 -8.99 46.74 6.46
C GLN A 311 -8.91 48.25 6.59
N GLU A 312 -9.21 48.96 5.51
CA GLU A 312 -9.16 50.42 5.54
C GLU A 312 -10.19 50.96 6.53
N LEU A 313 -11.43 50.48 6.44
CA LEU A 313 -12.51 50.93 7.32
C LEU A 313 -12.18 50.67 8.79
N VAL A 314 -11.72 49.46 9.08
CA VAL A 314 -11.37 49.06 10.43
C VAL A 314 -10.24 49.95 10.96
N GLU A 315 -9.30 50.27 10.08
CA GLU A 315 -8.17 51.12 10.41
C GLU A 315 -8.62 52.51 10.85
N SER A 316 -9.57 53.08 10.13
CA SER A 316 -10.08 54.40 10.44
C SER A 316 -10.87 54.49 11.75
N TYR A 317 -11.32 53.36 12.28
CA TYR A 317 -12.07 53.35 13.55
C TYR A 317 -11.17 52.80 14.65
N LYS A 318 -9.92 52.54 14.26
CA LYS A 318 -8.90 52.00 15.13
C LYS A 318 -8.90 52.49 16.58
N HIS A 319 -8.88 53.81 16.76
CA HIS A 319 -8.81 54.35 18.10
C HIS A 319 -10.04 54.23 18.96
N GLU A 320 -11.14 53.72 18.42
CA GLU A 320 -12.33 53.60 19.24
C GLU A 320 -12.88 52.19 19.26
N LEU A 321 -12.28 51.29 18.48
CA LEU A 321 -12.74 49.90 18.47
C LEU A 321 -12.30 49.25 19.79
N ASP A 322 -11.19 49.73 20.31
CA ASP A 322 -10.64 49.25 21.57
C ASP A 322 -10.28 47.77 21.59
N ILE A 323 -10.04 47.23 20.40
CA ILE A 323 -9.62 45.84 20.24
C ILE A 323 -8.63 45.92 19.10
N GLU A 324 -7.45 45.33 19.29
CA GLU A 324 -6.43 45.42 18.26
C GLU A 324 -6.66 44.53 17.05
N VAL A 325 -6.55 45.12 15.86
CA VAL A 325 -6.76 44.42 14.62
C VAL A 325 -5.46 43.97 13.97
N VAL A 326 -5.36 42.67 13.68
CA VAL A 326 -4.18 42.13 13.01
C VAL A 326 -4.55 41.97 11.54
N PRO A 327 -4.11 42.91 10.70
CA PRO A 327 -4.42 42.85 9.27
C PRO A 327 -3.50 41.93 8.47
N PHE A 328 -4.07 41.28 7.47
CA PHE A 328 -3.32 40.37 6.62
C PHE A 328 -3.63 40.62 5.16
N ARG A 329 -2.61 40.51 4.33
CA ARG A 329 -2.74 40.69 2.90
C ARG A 329 -2.84 39.28 2.38
N MET A 330 -3.24 39.12 1.13
CA MET A 330 -3.35 37.81 0.51
C MET A 330 -2.27 36.84 1.00
N VAL A 331 -2.67 35.73 1.61
CA VAL A 331 -1.70 34.74 2.05
C VAL A 331 -1.68 33.64 1.00
N THR A 332 -0.56 33.49 0.31
CA THR A 332 -0.46 32.50 -0.76
C THR A 332 0.63 31.46 -0.57
N TYR A 333 0.61 30.45 -1.44
CA TYR A 333 1.58 29.37 -1.38
C TYR A 333 2.85 29.57 -2.21
N LEU A 334 3.97 29.17 -1.63
CA LEU A 334 5.27 29.27 -2.28
C LEU A 334 5.82 27.87 -2.60
N PRO A 335 5.56 27.39 -3.83
CA PRO A 335 5.99 26.07 -4.28
C PRO A 335 7.46 25.82 -3.95
N ASP A 336 8.32 26.57 -4.63
CA ASP A 336 9.78 26.47 -4.49
C ASP A 336 10.31 26.44 -3.06
N GLU A 337 9.52 26.92 -2.09
CA GLU A 337 9.97 26.92 -0.70
C GLU A 337 9.06 26.09 0.21
N ASP A 338 7.98 25.57 -0.36
CA ASP A 338 7.00 24.78 0.38
C ASP A 338 6.64 25.48 1.69
N ARG A 339 5.84 26.53 1.56
CA ARG A 339 5.40 27.30 2.72
C ARG A 339 4.53 28.44 2.22
N TYR A 340 3.67 28.95 3.09
CA TYR A 340 2.80 30.05 2.73
C TYR A 340 3.40 31.33 3.29
N ALA A 341 2.92 32.47 2.80
CA ALA A 341 3.42 33.76 3.28
C ALA A 341 2.57 34.89 2.73
N PRO A 342 2.50 36.00 3.48
CA PRO A 342 1.71 37.15 3.04
C PRO A 342 2.28 37.62 1.70
N ILE A 343 1.40 37.91 0.76
CA ILE A 343 1.83 38.35 -0.56
C ILE A 343 2.57 39.68 -0.54
N ASP A 344 2.34 40.49 0.49
CA ASP A 344 2.98 41.79 0.61
C ASP A 344 4.47 41.70 0.95
N GLN A 345 4.95 40.51 1.23
CA GLN A 345 6.36 40.35 1.54
C GLN A 345 7.08 39.31 0.70
N ILE A 346 6.83 39.34 -0.62
CA ILE A 346 7.47 38.43 -1.56
C ILE A 346 7.42 38.93 -3.01
N ASP A 347 6.81 38.14 -3.87
CA ASP A 347 6.68 38.45 -5.29
C ASP A 347 8.00 38.86 -5.93
N THR A 348 8.01 40.04 -6.53
CA THR A 348 9.19 40.56 -7.22
C THR A 348 9.52 39.60 -8.36
N THR A 349 8.60 38.67 -8.63
CA THR A 349 8.76 37.66 -9.66
C THR A 349 9.87 36.69 -9.28
N LYS A 350 10.77 37.16 -8.41
CA LYS A 350 11.89 36.34 -7.95
C LYS A 350 11.39 35.03 -7.31
N THR A 351 10.09 34.99 -7.00
CA THR A 351 9.48 33.81 -6.41
C THR A 351 8.10 33.51 -7.00
N ARG A 352 7.87 32.25 -7.32
CA ARG A 352 6.61 31.80 -7.90
C ARG A 352 5.62 31.39 -6.81
N THR A 353 4.37 31.81 -6.96
CA THR A 353 3.34 31.49 -5.98
C THR A 353 2.30 30.54 -6.56
N LEU A 354 1.37 30.12 -5.70
CA LEU A 354 0.28 29.25 -6.09
C LEU A 354 -0.94 29.50 -5.22
N ASN A 355 -2.11 29.50 -5.84
CA ASN A 355 -3.36 29.76 -5.14
C ASN A 355 -4.57 29.03 -5.76
N ILE A 356 -5.24 28.20 -4.95
CA ILE A 356 -6.41 27.45 -5.38
C ILE A 356 -7.68 28.11 -4.85
N SER A 357 -8.22 29.04 -5.62
CA SER A 357 -9.43 29.76 -5.21
C SER A 357 -10.55 28.79 -4.84
N GLY A 358 -11.52 29.29 -4.06
CA GLY A 358 -12.65 28.48 -3.65
C GLY A 358 -13.34 27.88 -4.87
N THR A 359 -13.50 28.68 -5.91
CA THR A 359 -14.12 28.21 -7.15
C THR A 359 -13.46 26.89 -7.52
N GLU A 360 -12.22 26.99 -7.98
CA GLU A 360 -11.44 25.83 -8.36
C GLU A 360 -11.56 24.68 -7.34
N LEU A 361 -11.75 25.03 -6.07
CA LEU A 361 -11.86 24.03 -5.01
C LEU A 361 -13.09 23.16 -5.19
N ARG A 362 -14.25 23.77 -5.40
CA ARG A 362 -15.47 23.00 -5.60
C ARG A 362 -15.34 22.11 -6.83
N ARG A 363 -14.74 22.66 -7.89
CA ARG A 363 -14.56 21.90 -9.12
C ARG A 363 -13.96 20.51 -8.88
N ARG A 364 -12.86 20.45 -8.13
CA ARG A 364 -12.22 19.16 -7.83
C ARG A 364 -13.17 18.29 -7.01
N LEU A 365 -13.86 18.91 -6.06
CA LEU A 365 -14.81 18.22 -5.19
C LEU A 365 -15.96 17.63 -5.98
N ARG A 366 -16.38 18.34 -7.02
CA ARG A 366 -17.48 17.91 -7.87
C ARG A 366 -16.98 16.99 -8.99
N VAL A 367 -15.69 17.06 -9.30
CA VAL A 367 -15.12 16.23 -10.36
C VAL A 367 -14.23 15.10 -9.84
N GLY A 368 -14.19 14.91 -8.52
CA GLY A 368 -13.38 13.84 -7.97
C GLY A 368 -11.90 14.11 -8.11
N GLY A 369 -11.56 15.37 -8.43
CA GLY A 369 -10.18 15.76 -8.58
C GLY A 369 -9.37 15.51 -7.32
N GLU A 370 -8.04 15.59 -7.43
CA GLU A 370 -7.19 15.36 -6.28
C GLU A 370 -6.68 16.69 -5.74
N ILE A 371 -7.12 17.05 -4.54
CA ILE A 371 -6.72 18.29 -3.90
C ILE A 371 -5.30 18.16 -3.34
N PRO A 372 -4.38 19.03 -3.79
CA PRO A 372 -2.97 19.10 -3.40
C PRO A 372 -2.68 18.98 -1.90
N GLU A 373 -1.68 18.17 -1.57
CA GLU A 373 -1.27 17.98 -0.16
C GLU A 373 -0.90 19.32 0.47
N TRP A 374 -0.37 20.23 -0.33
CA TRP A 374 0.03 21.54 0.18
C TRP A 374 -1.16 22.44 0.48
N PHE A 375 -2.20 22.37 -0.37
CA PHE A 375 -3.39 23.20 -0.18
C PHE A 375 -4.12 22.98 1.13
N SER A 376 -4.54 21.75 1.39
CA SER A 376 -5.28 21.45 2.61
C SER A 376 -4.85 20.11 3.17
N TYR A 377 -5.16 19.88 4.44
CA TYR A 377 -4.81 18.63 5.09
C TYR A 377 -5.68 17.51 4.51
N PRO A 378 -5.16 16.28 4.48
CA PRO A 378 -5.91 15.13 3.94
C PRO A 378 -7.22 14.87 4.69
N GLU A 379 -7.14 14.82 6.02
CA GLU A 379 -8.30 14.59 6.88
C GLU A 379 -9.43 15.58 6.58
N VAL A 380 -9.05 16.81 6.24
CA VAL A 380 -10.03 17.85 5.93
C VAL A 380 -10.73 17.60 4.59
N VAL A 381 -9.95 17.32 3.56
CA VAL A 381 -10.53 17.06 2.25
C VAL A 381 -11.45 15.86 2.34
N LYS A 382 -11.05 14.85 3.11
CA LYS A 382 -11.86 13.66 3.27
C LYS A 382 -13.25 14.07 3.75
N ILE A 383 -13.29 14.85 4.82
CA ILE A 383 -14.55 15.33 5.38
C ILE A 383 -15.33 16.12 4.34
N LEU A 384 -14.65 16.96 3.58
CA LEU A 384 -15.32 17.75 2.55
C LEU A 384 -15.93 16.91 1.44
N ARG A 385 -15.13 16.01 0.85
CA ARG A 385 -15.61 15.15 -0.23
C ARG A 385 -16.83 14.37 0.27
N GLU A 386 -16.74 13.91 1.51
CA GLU A 386 -17.81 13.14 2.13
C GLU A 386 -19.14 13.91 2.23
N SER A 387 -19.06 15.23 2.36
CA SER A 387 -20.27 16.05 2.46
C SER A 387 -20.69 16.58 1.10
N ASN A 388 -19.73 16.73 0.21
CA ASN A 388 -19.99 17.23 -1.14
C ASN A 388 -19.33 16.23 -2.09
N PRO A 389 -19.97 15.07 -2.26
CA PRO A 389 -19.49 13.99 -3.13
C PRO A 389 -19.33 14.36 -4.60
N PRO A 390 -18.44 13.65 -5.30
CA PRO A 390 -18.20 13.91 -6.72
C PRO A 390 -19.43 13.48 -7.54
N ARG A 391 -19.53 13.98 -8.76
CA ARG A 391 -20.67 13.65 -9.62
C ARG A 391 -21.09 12.18 -9.63
N PRO A 392 -20.13 11.25 -9.75
CA PRO A 392 -20.52 9.85 -9.76
C PRO A 392 -21.30 9.36 -8.55
N LYS A 393 -21.41 10.20 -7.51
CA LYS A 393 -22.15 9.84 -6.29
C LYS A 393 -23.25 10.86 -5.99
N GLN A 394 -23.44 11.80 -6.92
CA GLN A 394 -24.45 12.82 -6.76
C GLN A 394 -25.80 12.37 -7.30
N GLY A 395 -26.87 13.00 -6.83
CA GLY A 395 -28.18 12.64 -7.31
C GLY A 395 -28.56 13.50 -8.50
N PHE A 396 -29.70 13.22 -9.11
CA PHE A 396 -30.14 14.03 -10.23
C PHE A 396 -31.56 13.67 -10.63
N SER A 397 -32.13 14.44 -11.54
CA SER A 397 -33.47 14.16 -12.01
C SER A 397 -33.54 14.44 -13.49
N ILE A 398 -34.33 13.64 -14.20
CA ILE A 398 -34.55 13.84 -15.62
C ILE A 398 -36.04 14.09 -15.70
N VAL A 399 -36.41 15.25 -16.21
CA VAL A 399 -37.83 15.58 -16.34
C VAL A 399 -38.22 15.43 -17.80
N LEU A 400 -39.22 14.60 -18.04
CA LEU A 400 -39.69 14.39 -19.40
C LEU A 400 -40.49 15.63 -19.79
N GLY A 401 -39.90 16.44 -20.66
CA GLY A 401 -40.53 17.68 -21.10
C GLY A 401 -41.95 17.56 -21.61
N ASN A 402 -42.66 18.69 -21.61
CA ASN A 402 -44.04 18.76 -22.06
C ASN A 402 -44.18 18.41 -23.54
N SER A 403 -43.21 18.85 -24.34
CA SER A 403 -43.25 18.59 -25.78
C SER A 403 -43.14 17.11 -26.13
N LEU A 404 -42.78 16.28 -25.15
CA LEU A 404 -42.65 14.84 -25.37
C LEU A 404 -43.90 14.19 -25.94
N THR A 405 -43.73 13.53 -27.08
CA THR A 405 -44.84 12.87 -27.75
C THR A 405 -44.88 11.38 -27.48
N VAL A 406 -43.74 10.80 -27.16
CA VAL A 406 -43.70 9.36 -26.87
C VAL A 406 -44.41 9.02 -25.59
N SER A 407 -44.54 7.73 -25.33
CA SER A 407 -45.19 7.25 -24.11
C SER A 407 -44.29 7.59 -22.94
N ARG A 408 -44.78 8.47 -22.06
CA ARG A 408 -44.01 8.86 -20.91
C ARG A 408 -43.81 7.65 -19.99
N GLU A 409 -44.79 6.75 -19.98
CA GLU A 409 -44.72 5.57 -19.14
C GLU A 409 -43.61 4.63 -19.60
N GLN A 410 -43.58 4.36 -20.89
CA GLN A 410 -42.55 3.48 -21.42
C GLN A 410 -41.16 4.09 -21.40
N LEU A 411 -41.06 5.39 -21.71
CA LEU A 411 -39.77 6.07 -21.70
C LEU A 411 -39.22 6.07 -20.28
N SER A 412 -40.13 6.16 -19.30
CA SER A 412 -39.72 6.18 -17.91
C SER A 412 -39.10 4.84 -17.53
N ILE A 413 -39.80 3.77 -17.84
CA ILE A 413 -39.33 2.42 -17.53
C ILE A 413 -37.99 2.16 -18.24
N ALA A 414 -37.91 2.53 -19.51
CA ALA A 414 -36.69 2.35 -20.27
C ALA A 414 -35.52 3.03 -19.54
N LEU A 415 -35.70 4.28 -19.12
CA LEU A 415 -34.63 4.97 -18.42
C LEU A 415 -34.31 4.23 -17.12
N LEU A 416 -35.34 3.84 -16.38
CA LEU A 416 -35.10 3.13 -15.13
C LEU A 416 -34.31 1.84 -15.35
N SER A 417 -34.79 0.99 -16.23
CA SER A 417 -34.10 -0.25 -16.51
C SER A 417 -32.69 0.00 -17.01
N THR A 418 -32.50 1.07 -17.79
CA THR A 418 -31.17 1.34 -18.30
C THR A 418 -30.23 1.76 -17.19
N PHE A 419 -30.65 2.71 -16.35
CA PHE A 419 -29.80 3.19 -15.25
C PHE A 419 -29.47 2.06 -14.28
N LEU A 420 -30.43 1.18 -14.08
CA LEU A 420 -30.25 0.06 -13.16
C LEU A 420 -29.12 -0.88 -13.53
N GLN A 421 -28.87 -1.06 -14.82
CA GLN A 421 -27.82 -1.97 -15.23
C GLN A 421 -26.41 -1.43 -15.03
N PHE A 422 -26.30 -0.13 -14.75
CA PHE A 422 -24.99 0.48 -14.55
C PHE A 422 -24.38 0.16 -13.18
N GLY A 423 -25.23 0.09 -12.15
CA GLY A 423 -24.71 -0.18 -10.81
C GLY A 423 -23.78 0.93 -10.34
N GLY A 424 -23.53 0.98 -9.03
CA GLY A 424 -22.66 2.02 -8.50
C GLY A 424 -23.24 2.56 -7.21
N GLY A 425 -24.17 1.81 -6.64
CA GLY A 425 -24.79 2.20 -5.41
C GLY A 425 -25.88 3.25 -5.49
N ARG A 426 -26.13 3.83 -6.67
CA ARG A 426 -27.20 4.83 -6.77
C ARG A 426 -28.59 4.21 -6.80
N TYR A 427 -29.53 4.83 -6.10
CA TYR A 427 -30.91 4.36 -6.04
C TYR A 427 -31.74 5.14 -7.03
N TYR A 428 -32.55 4.46 -7.83
CA TYR A 428 -33.37 5.14 -8.81
C TYR A 428 -34.86 5.00 -8.58
N LYS A 429 -35.63 5.96 -9.10
CA LYS A 429 -37.07 5.92 -8.97
C LYS A 429 -37.85 6.78 -9.97
N ILE A 430 -38.95 6.22 -10.49
CA ILE A 430 -39.82 6.97 -11.39
C ILE A 430 -40.59 7.75 -10.33
N PHE A 431 -40.62 9.07 -10.42
CA PHE A 431 -41.29 9.90 -9.43
C PHE A 431 -42.41 10.73 -10.02
N GLU A 432 -43.64 10.40 -9.63
CA GLU A 432 -44.81 11.13 -10.10
C GLU A 432 -45.24 12.13 -9.02
N HIS A 433 -45.10 13.42 -9.32
CA HIS A 433 -45.41 14.48 -8.37
C HIS A 433 -46.85 14.99 -8.34
N ASN A 434 -47.60 14.77 -9.42
CA ASN A 434 -48.99 15.19 -9.49
C ASN A 434 -49.20 16.65 -9.08
N ASN A 435 -48.21 17.49 -9.35
CA ASN A 435 -48.29 18.91 -9.00
C ASN A 435 -48.58 19.19 -7.52
N LYS A 436 -48.34 18.22 -6.66
CA LYS A 436 -48.57 18.39 -5.23
C LYS A 436 -47.26 18.86 -4.58
N THR A 437 -47.28 20.05 -4.00
CA THR A 437 -46.07 20.59 -3.40
C THR A 437 -45.48 19.67 -2.33
N GLU A 438 -46.31 18.86 -1.69
CA GLU A 438 -45.77 17.97 -0.67
C GLU A 438 -44.91 16.89 -1.33
N LEU A 439 -45.03 16.75 -2.64
CA LEU A 439 -44.25 15.76 -3.37
C LEU A 439 -43.09 16.47 -4.03
N LEU A 440 -43.37 17.65 -4.58
CA LEU A 440 -42.36 18.47 -5.24
C LEU A 440 -41.21 18.85 -4.30
N SER A 441 -41.54 19.22 -3.06
CA SER A 441 -40.57 19.64 -2.07
C SER A 441 -39.64 18.49 -1.68
N LEU A 442 -39.99 17.27 -2.08
CA LEU A 442 -39.19 16.10 -1.77
C LEU A 442 -38.15 15.78 -2.83
N ILE A 443 -38.27 16.43 -3.98
CA ILE A 443 -37.34 16.18 -5.07
C ILE A 443 -35.88 16.42 -4.72
N GLN A 444 -35.58 17.57 -4.13
CA GLN A 444 -34.19 17.84 -3.76
C GLN A 444 -33.73 16.95 -2.62
N ASP A 445 -34.67 16.43 -1.84
CA ASP A 445 -34.31 15.55 -0.76
C ASP A 445 -33.66 14.31 -1.34
N PHE A 446 -34.30 13.74 -2.34
CA PHE A 446 -33.75 12.56 -3.00
C PHE A 446 -32.41 12.87 -3.66
N ILE A 447 -32.38 13.93 -4.46
CA ILE A 447 -31.15 14.33 -5.12
C ILE A 447 -30.06 14.49 -4.04
N GLY A 448 -30.44 15.09 -2.92
CA GLY A 448 -29.50 15.28 -1.85
C GLY A 448 -29.06 13.94 -1.31
N SER A 449 -29.94 12.95 -1.39
CA SER A 449 -29.63 11.61 -0.90
C SER A 449 -28.84 10.79 -1.91
N GLY A 450 -28.55 11.43 -3.04
CA GLY A 450 -27.76 10.79 -4.08
C GLY A 450 -28.54 9.95 -5.08
N SER A 451 -29.85 9.90 -4.91
CA SER A 451 -30.71 9.13 -5.80
C SER A 451 -30.95 9.79 -7.15
N GLY A 452 -31.31 8.97 -8.15
CA GLY A 452 -31.60 9.48 -9.47
C GLY A 452 -33.10 9.39 -9.74
N LEU A 453 -33.73 10.52 -10.03
CA LEU A 453 -35.17 10.50 -10.28
C LEU A 453 -35.58 10.68 -11.72
N ILE A 454 -36.55 9.90 -12.14
CA ILE A 454 -37.09 9.97 -13.49
C ILE A 454 -38.51 10.52 -13.35
N ILE A 455 -38.68 11.81 -13.67
CA ILE A 455 -39.96 12.49 -13.57
C ILE A 455 -40.64 12.61 -14.94
N PRO A 456 -41.69 11.81 -15.18
CA PRO A 456 -42.46 11.78 -16.43
C PRO A 456 -43.21 13.04 -16.89
N ASP A 457 -43.41 14.01 -15.99
CA ASP A 457 -44.11 15.24 -16.38
C ASP A 457 -43.57 16.45 -15.65
N GLN A 458 -43.76 17.61 -16.27
CA GLN A 458 -43.32 18.85 -15.67
C GLN A 458 -44.36 19.25 -14.64
N TRP A 459 -43.99 20.22 -13.82
CA TRP A 459 -44.91 20.74 -12.82
C TRP A 459 -45.31 22.12 -13.30
N GLU A 460 -46.55 22.50 -13.00
CA GLU A 460 -47.03 23.81 -13.41
C GLU A 460 -46.02 24.88 -13.00
N ASP A 461 -45.87 25.91 -13.82
CA ASP A 461 -44.94 27.00 -13.54
C ASP A 461 -45.21 27.69 -12.20
N ASP A 462 -46.46 27.66 -11.73
CA ASP A 462 -46.78 28.31 -10.46
C ASP A 462 -46.15 27.59 -9.28
N LYS A 463 -45.60 26.40 -9.53
CA LYS A 463 -44.98 25.63 -8.45
C LYS A 463 -43.48 25.41 -8.64
N ASP A 464 -42.95 25.93 -9.73
CA ASP A 464 -41.53 25.78 -10.04
C ASP A 464 -40.62 26.25 -8.90
N SER A 465 -41.11 27.18 -8.10
CA SER A 465 -40.35 27.72 -6.97
C SER A 465 -40.18 26.71 -5.84
N VAL A 466 -41.10 25.76 -5.75
CA VAL A 466 -41.07 24.74 -4.71
C VAL A 466 -39.93 23.74 -4.91
N VAL A 467 -39.36 23.72 -6.11
CA VAL A 467 -38.31 22.77 -6.43
C VAL A 467 -36.95 23.42 -6.66
N GLY A 468 -35.92 22.90 -6.00
CA GLY A 468 -34.58 23.42 -6.19
C GLY A 468 -34.09 22.94 -7.54
N LYS A 469 -33.59 23.86 -8.37
CA LYS A 469 -33.10 23.51 -9.70
C LYS A 469 -31.80 22.69 -9.76
N GLN A 470 -31.22 22.41 -8.58
CA GLN A 470 -29.96 21.66 -8.47
C GLN A 470 -29.98 20.25 -9.06
N ASN A 471 -29.16 20.03 -10.07
CA ASN A 471 -29.05 18.72 -10.74
C ASN A 471 -30.36 18.21 -11.33
N VAL A 472 -31.20 19.13 -11.77
CA VAL A 472 -32.48 18.80 -12.37
C VAL A 472 -32.40 19.13 -13.86
N TYR A 473 -32.43 18.10 -14.70
CA TYR A 473 -32.32 18.34 -16.13
C TYR A 473 -33.61 18.13 -16.89
N LEU A 474 -33.84 19.00 -17.86
CA LEU A 474 -35.04 18.95 -18.69
C LEU A 474 -34.75 18.29 -20.03
N LEU A 475 -35.49 17.22 -20.31
CA LEU A 475 -35.36 16.47 -21.56
C LEU A 475 -36.51 16.95 -22.47
N ASP A 476 -36.18 17.76 -23.47
CA ASP A 476 -37.23 18.33 -24.32
C ASP A 476 -36.68 18.78 -25.68
N THR A 477 -37.58 19.13 -26.60
CA THR A 477 -37.15 19.59 -27.92
C THR A 477 -36.85 21.08 -27.88
N SER A 478 -37.32 21.73 -26.81
CA SER A 478 -37.11 23.15 -26.60
C SER A 478 -35.62 23.49 -26.57
N SER A 479 -35.32 24.76 -26.79
CA SER A 479 -33.94 25.23 -26.78
C SER A 479 -33.47 25.40 -25.33
N SER A 480 -34.43 25.55 -24.42
CA SER A 480 -34.11 25.72 -23.02
C SER A 480 -34.04 24.36 -22.32
N ALA A 481 -33.97 23.29 -23.09
CA ALA A 481 -33.88 21.95 -22.54
C ALA A 481 -32.43 21.62 -22.30
N ASP A 482 -32.12 21.04 -21.14
CA ASP A 482 -30.74 20.68 -20.80
C ASP A 482 -30.29 19.56 -21.72
N ILE A 483 -31.22 18.69 -22.08
CA ILE A 483 -30.96 17.56 -22.98
C ILE A 483 -31.96 17.73 -24.12
N GLN A 484 -31.51 18.32 -25.21
CA GLN A 484 -32.37 18.60 -26.35
C GLN A 484 -32.64 17.43 -27.28
N LEU A 485 -33.91 17.15 -27.54
CA LEU A 485 -34.28 16.06 -28.44
C LEU A 485 -34.44 16.56 -29.88
N GLU A 486 -34.30 15.62 -30.81
CA GLU A 486 -34.41 15.89 -32.25
C GLU A 486 -35.85 16.21 -32.63
N SER A 487 -36.77 15.38 -32.17
CA SER A 487 -38.19 15.54 -32.45
C SER A 487 -38.96 15.07 -31.23
N ALA A 488 -40.19 15.55 -31.06
CA ALA A 488 -40.99 15.19 -29.90
C ALA A 488 -41.32 13.70 -29.84
N ASP A 489 -41.27 13.04 -30.99
CA ASP A 489 -41.59 11.62 -31.06
C ASP A 489 -40.39 10.74 -31.33
N GLU A 490 -39.20 11.27 -31.08
CA GLU A 490 -37.96 10.50 -31.28
C GLU A 490 -38.10 9.16 -30.57
N PRO A 491 -37.68 8.06 -31.24
CA PRO A 491 -37.79 6.74 -30.62
C PRO A 491 -37.01 6.57 -29.30
N ILE A 492 -37.67 5.94 -28.33
CA ILE A 492 -37.10 5.72 -27.01
C ILE A 492 -35.61 5.34 -26.91
N SER A 493 -35.21 4.27 -27.58
CA SER A 493 -33.81 3.88 -27.52
C SER A 493 -32.89 5.05 -27.88
N HIS A 494 -33.34 5.93 -28.77
CA HIS A 494 -32.54 7.09 -29.15
C HIS A 494 -32.51 8.08 -28.00
N ILE A 495 -33.69 8.35 -27.43
CA ILE A 495 -33.80 9.29 -26.32
C ILE A 495 -32.94 8.75 -25.18
N VAL A 496 -33.03 7.45 -24.95
CA VAL A 496 -32.29 6.82 -23.87
C VAL A 496 -30.78 7.01 -24.03
N GLN A 497 -30.29 6.85 -25.24
CA GLN A 497 -28.86 7.00 -25.46
C GLN A 497 -28.44 8.45 -25.21
N LYS A 498 -29.23 9.41 -25.65
CA LYS A 498 -28.91 10.81 -25.42
C LYS A 498 -28.87 11.11 -23.92
N VAL A 499 -29.85 10.59 -23.17
CA VAL A 499 -29.87 10.84 -21.73
C VAL A 499 -28.66 10.20 -21.05
N VAL A 500 -28.37 8.95 -21.38
CA VAL A 500 -27.24 8.25 -20.79
C VAL A 500 -25.92 8.94 -21.06
N LEU A 501 -25.69 9.30 -22.32
CA LEU A 501 -24.45 9.94 -22.69
C LEU A 501 -24.32 11.35 -22.12
N PHE A 502 -25.45 12.01 -21.88
CA PHE A 502 -25.43 13.36 -21.30
C PHE A 502 -24.97 13.23 -19.85
N LEU A 503 -25.58 12.29 -19.13
CA LEU A 503 -25.23 12.06 -17.73
C LEU A 503 -23.80 11.58 -17.63
N GLU A 504 -23.36 10.82 -18.62
CA GLU A 504 -22.00 10.32 -18.61
C GLU A 504 -21.03 11.46 -18.86
N ASP A 505 -21.41 12.36 -19.75
CA ASP A 505 -20.56 13.50 -20.03
C ASP A 505 -20.45 14.41 -18.81
N ASN A 506 -21.51 14.49 -18.01
CA ASN A 506 -21.49 15.34 -16.83
C ASN A 506 -21.05 14.59 -15.56
N GLY A 507 -20.26 13.54 -15.76
CA GLY A 507 -19.74 12.77 -14.64
C GLY A 507 -20.63 11.94 -13.73
N PHE A 508 -21.94 11.94 -13.95
CA PHE A 508 -22.82 11.16 -13.08
C PHE A 508 -22.60 9.66 -13.20
N PHE A 509 -22.19 9.23 -14.39
CA PHE A 509 -21.90 7.82 -14.66
C PHE A 509 -20.44 7.72 -15.10
N VAL A 510 -19.77 6.69 -14.62
CA VAL A 510 -18.37 6.45 -14.96
C VAL A 510 -18.23 4.96 -15.23
N PHE A 511 -17.70 4.60 -16.39
CA PHE A 511 -17.56 3.20 -16.72
C PHE A 511 -16.09 2.82 -16.90
N PRO B 2 43.19 -25.32 13.20
CA PRO B 2 43.77 -26.65 13.52
C PRO B 2 44.65 -27.16 12.38
N ALA B 3 45.56 -28.05 12.72
CA ALA B 3 46.46 -28.57 11.72
C ALA B 3 45.69 -29.34 10.67
N PRO B 4 46.03 -29.13 9.39
CA PRO B 4 45.31 -29.86 8.34
C PRO B 4 45.38 -31.38 8.62
N HIS B 5 44.33 -32.10 8.27
CA HIS B 5 44.27 -33.55 8.48
C HIS B 5 45.52 -34.21 7.90
N GLY B 6 46.24 -34.94 8.76
CA GLY B 6 47.45 -35.59 8.31
C GLY B 6 48.66 -34.74 8.66
N GLY B 7 48.40 -33.54 9.17
CA GLY B 7 49.49 -32.66 9.58
C GLY B 7 50.05 -31.70 8.55
N ILE B 8 49.96 -32.06 7.28
CA ILE B 8 50.49 -31.20 6.22
C ILE B 8 49.45 -30.83 5.16
N LEU B 9 49.22 -29.54 4.97
CA LEU B 9 48.26 -29.13 3.95
C LEU B 9 48.86 -29.53 2.62
N GLN B 10 48.20 -30.41 1.89
CA GLN B 10 48.72 -30.85 0.61
C GLN B 10 48.36 -29.95 -0.58
N ASP B 11 48.68 -28.67 -0.47
CA ASP B 11 48.43 -27.72 -1.55
C ASP B 11 49.44 -27.99 -2.70
N LEU B 12 49.05 -28.87 -3.62
CA LEU B 12 49.92 -29.24 -4.74
C LEU B 12 50.12 -28.13 -5.76
N ILE B 13 49.23 -27.15 -5.81
CA ILE B 13 49.40 -26.04 -6.74
C ILE B 13 50.65 -25.32 -6.24
N ALA B 14 50.71 -25.11 -4.93
CA ALA B 14 51.86 -24.44 -4.35
C ALA B 14 53.08 -25.33 -4.57
N ARG B 15 52.98 -26.57 -4.10
CA ARG B 15 54.07 -27.52 -4.21
C ARG B 15 54.74 -27.63 -5.57
N ASP B 16 53.92 -27.79 -6.62
CA ASP B 16 54.43 -27.98 -7.97
C ASP B 16 54.63 -26.75 -8.83
N ALA B 17 54.46 -25.57 -8.23
CA ALA B 17 54.60 -24.30 -8.94
C ALA B 17 55.70 -24.25 -10.01
N LEU B 18 56.94 -24.49 -9.59
CA LEU B 18 58.09 -24.45 -10.50
C LEU B 18 58.15 -25.55 -11.57
N LYS B 19 57.20 -26.48 -11.52
CA LYS B 19 57.12 -27.57 -12.50
C LYS B 19 55.95 -27.27 -13.43
N LYS B 20 55.31 -26.13 -13.20
CA LYS B 20 54.16 -25.70 -13.97
C LYS B 20 54.42 -25.80 -15.46
N ASN B 21 55.40 -25.04 -15.95
CA ASN B 21 55.73 -25.04 -17.36
C ASN B 21 56.05 -26.42 -17.90
N GLU B 22 56.89 -27.14 -17.16
CA GLU B 22 57.29 -28.48 -17.57
C GLU B 22 56.08 -29.41 -17.69
N LEU B 23 55.32 -29.52 -16.60
CA LEU B 23 54.13 -30.37 -16.57
C LEU B 23 53.18 -29.99 -17.70
N LEU B 24 53.03 -28.69 -17.92
CA LEU B 24 52.15 -28.20 -18.97
C LEU B 24 52.61 -28.69 -20.34
N SER B 25 53.92 -28.74 -20.54
CA SER B 25 54.46 -29.19 -21.81
C SER B 25 54.19 -30.69 -21.97
N GLU B 26 54.40 -31.45 -20.90
CA GLU B 26 54.16 -32.89 -20.95
C GLU B 26 52.69 -33.16 -21.20
N ALA B 27 51.83 -32.44 -20.50
CA ALA B 27 50.40 -32.61 -20.64
C ALA B 27 49.93 -32.40 -22.07
N GLN B 28 50.64 -31.56 -22.82
CA GLN B 28 50.24 -31.30 -24.19
C GLN B 28 51.11 -32.00 -25.24
N SER B 29 51.95 -32.92 -24.79
CA SER B 29 52.81 -33.67 -25.70
C SER B 29 51.91 -34.71 -26.37
N SER B 30 52.07 -34.86 -27.68
CA SER B 30 51.25 -35.80 -28.45
C SER B 30 51.41 -37.27 -28.08
N ASP B 31 52.41 -37.60 -27.28
CA ASP B 31 52.63 -38.99 -26.90
C ASP B 31 51.88 -39.46 -25.66
N ILE B 32 51.70 -38.55 -24.70
CA ILE B 32 51.03 -38.90 -23.45
C ILE B 32 49.57 -39.28 -23.64
N LEU B 33 49.10 -40.19 -22.78
CA LEU B 33 47.72 -40.65 -22.82
C LEU B 33 46.84 -39.63 -22.09
N VAL B 34 45.70 -39.30 -22.67
CA VAL B 34 44.80 -38.32 -22.07
C VAL B 34 43.43 -38.82 -21.64
N TRP B 35 42.97 -38.33 -20.49
CA TRP B 35 41.67 -38.66 -19.95
C TRP B 35 40.93 -37.37 -19.59
N ASN B 36 39.74 -37.20 -20.15
CA ASN B 36 38.99 -35.99 -19.85
C ASN B 36 38.14 -36.22 -18.61
N LEU B 37 38.44 -35.44 -17.57
CA LEU B 37 37.75 -35.52 -16.29
C LEU B 37 36.23 -35.36 -16.36
N THR B 38 35.51 -36.25 -15.70
CA THR B 38 34.05 -36.17 -15.66
C THR B 38 33.73 -35.08 -14.64
N PRO B 39 32.51 -34.56 -14.66
CA PRO B 39 32.12 -33.52 -13.71
C PRO B 39 32.48 -33.81 -12.27
N ARG B 40 32.04 -34.94 -11.72
CA ARG B 40 32.39 -35.21 -10.33
C ARG B 40 33.89 -35.25 -10.14
N GLN B 41 34.60 -35.78 -11.12
CA GLN B 41 36.04 -35.88 -11.03
C GLN B 41 36.68 -34.49 -10.98
N LEU B 42 36.06 -33.53 -11.66
CA LEU B 42 36.60 -32.17 -11.65
C LEU B 42 36.48 -31.57 -10.26
N CYS B 43 35.44 -31.98 -9.54
CA CYS B 43 35.21 -31.49 -8.18
C CYS B 43 36.23 -32.10 -7.25
N ASP B 44 36.42 -33.42 -7.38
CA ASP B 44 37.37 -34.14 -6.55
C ASP B 44 38.80 -33.67 -6.83
N ILE B 45 39.18 -33.63 -8.10
CA ILE B 45 40.53 -33.22 -8.48
C ILE B 45 40.88 -31.84 -7.91
N GLU B 46 39.88 -30.97 -7.81
CA GLU B 46 40.14 -29.63 -7.28
C GLU B 46 40.36 -29.63 -5.77
N LEU B 47 39.71 -30.54 -5.06
CA LEU B 47 39.87 -30.62 -3.62
C LEU B 47 41.16 -31.35 -3.30
N ILE B 48 41.65 -32.16 -4.23
CA ILE B 48 42.90 -32.86 -3.98
C ILE B 48 44.08 -31.92 -4.20
N LEU B 49 44.06 -31.21 -5.31
CA LEU B 49 45.17 -30.30 -5.64
C LEU B 49 45.32 -29.07 -4.72
N ASN B 50 44.23 -28.60 -4.12
CA ASN B 50 44.36 -27.43 -3.25
C ASN B 50 44.57 -27.75 -1.77
N GLY B 51 44.59 -29.03 -1.42
CA GLY B 51 44.80 -29.41 -0.03
C GLY B 51 43.53 -29.70 0.74
N GLY B 52 42.38 -29.51 0.08
CA GLY B 52 41.11 -29.75 0.73
C GLY B 52 40.90 -31.20 1.18
N PHE B 53 41.58 -32.12 0.51
CA PHE B 53 41.48 -33.54 0.85
C PHE B 53 42.73 -34.08 1.53
N SER B 54 43.50 -33.20 2.15
CA SER B 54 44.71 -33.62 2.84
C SER B 54 44.29 -34.74 3.77
N PRO B 55 45.14 -35.77 3.94
CA PRO B 55 46.46 -35.97 3.32
C PRO B 55 46.52 -36.46 1.89
N LEU B 56 45.38 -36.71 1.26
CA LEU B 56 45.39 -37.19 -0.12
C LEU B 56 46.26 -36.37 -1.07
N THR B 57 46.89 -37.05 -2.02
CA THR B 57 47.73 -36.38 -3.02
C THR B 57 47.49 -37.01 -4.38
N GLY B 58 46.34 -37.67 -4.53
CA GLY B 58 45.98 -38.33 -5.77
C GLY B 58 44.75 -39.18 -5.54
N PHE B 59 44.37 -39.97 -6.54
CA PHE B 59 43.21 -40.85 -6.40
C PHE B 59 43.61 -42.19 -5.79
N LEU B 60 42.84 -42.63 -4.81
CA LEU B 60 43.10 -43.86 -4.07
C LEU B 60 43.41 -45.14 -4.86
N ASN B 61 44.53 -45.78 -4.52
CA ASN B 61 44.89 -47.04 -5.15
C ASN B 61 44.02 -48.07 -4.46
N GLU B 62 44.03 -49.31 -4.95
CA GLU B 62 43.20 -50.34 -4.37
C GLU B 62 43.42 -50.58 -2.87
N ASN B 63 44.68 -50.47 -2.44
CA ASN B 63 45.01 -50.70 -1.04
C ASN B 63 44.33 -49.68 -0.13
N ASP B 64 44.45 -48.40 -0.48
CA ASP B 64 43.84 -47.33 0.31
C ASP B 64 42.33 -47.34 0.12
N TYR B 65 41.90 -47.64 -1.11
CA TYR B 65 40.49 -47.66 -1.43
C TYR B 65 39.68 -48.67 -0.60
N SER B 66 40.17 -49.91 -0.56
CA SER B 66 39.49 -50.97 0.18
C SER B 66 39.58 -50.74 1.68
N SER B 67 40.65 -50.08 2.10
CA SER B 67 40.83 -49.80 3.52
C SER B 67 39.80 -48.78 3.95
N VAL B 68 39.39 -47.92 3.02
CA VAL B 68 38.39 -46.90 3.32
C VAL B 68 36.99 -47.51 3.29
N VAL B 69 36.77 -48.43 2.35
CA VAL B 69 35.48 -49.08 2.22
C VAL B 69 35.14 -49.87 3.48
N THR B 70 36.09 -50.71 3.91
CA THR B 70 35.90 -51.57 5.08
C THR B 70 36.39 -51.03 6.41
N ASP B 71 37.23 -49.99 6.41
CA ASP B 71 37.76 -49.46 7.66
C ASP B 71 37.56 -47.98 7.96
N SER B 72 36.97 -47.23 7.03
CA SER B 72 36.77 -45.78 7.22
C SER B 72 38.12 -45.11 7.47
N ARG B 73 39.18 -45.76 7.00
CA ARG B 73 40.54 -45.27 7.18
C ARG B 73 41.36 -45.60 5.97
N LEU B 74 42.41 -44.80 5.77
CA LEU B 74 43.33 -45.04 4.69
C LEU B 74 44.16 -46.22 5.18
N ALA B 75 44.93 -46.83 4.28
CA ALA B 75 45.76 -47.97 4.66
C ALA B 75 46.67 -47.68 5.87
N ASP B 76 47.17 -46.44 5.99
CA ASP B 76 48.05 -46.05 7.09
C ASP B 76 47.32 -45.70 8.38
N GLY B 77 46.01 -45.93 8.40
CA GLY B 77 45.23 -45.63 9.59
C GLY B 77 44.54 -44.29 9.64
N THR B 78 44.93 -43.35 8.77
CA THR B 78 44.33 -42.03 8.78
C THR B 78 42.81 -42.10 8.55
N LEU B 79 42.07 -41.47 9.45
CA LEU B 79 40.62 -41.46 9.38
C LEU B 79 40.11 -40.85 8.07
N TRP B 80 39.46 -41.65 7.23
CA TRP B 80 38.93 -41.16 5.95
C TRP B 80 37.76 -42.05 5.51
N THR B 81 36.56 -41.48 5.53
CA THR B 81 35.33 -42.23 5.21
C THR B 81 34.78 -42.33 3.79
N ILE B 82 35.10 -41.37 2.93
CA ILE B 82 34.58 -41.40 1.56
C ILE B 82 35.69 -41.70 0.57
N PRO B 83 35.53 -42.74 -0.25
CA PRO B 83 36.55 -43.12 -1.24
C PRO B 83 36.62 -42.16 -2.43
N ILE B 84 37.77 -41.58 -2.67
CA ILE B 84 37.94 -40.68 -3.79
C ILE B 84 38.77 -41.43 -4.82
N THR B 85 38.12 -41.83 -5.90
CA THR B 85 38.80 -42.59 -6.95
C THR B 85 38.55 -42.03 -8.34
N LEU B 86 39.43 -42.41 -9.26
CA LEU B 86 39.35 -42.01 -10.67
C LEU B 86 38.74 -43.18 -11.42
N ASP B 87 37.44 -43.08 -11.71
CA ASP B 87 36.72 -44.12 -12.44
C ASP B 87 36.77 -43.96 -13.95
N VAL B 88 37.20 -45.01 -14.64
CA VAL B 88 37.30 -44.99 -16.10
C VAL B 88 36.66 -46.25 -16.70
N ASP B 89 36.58 -46.30 -18.03
CA ASP B 89 35.99 -47.45 -18.73
C ASP B 89 37.06 -48.46 -19.16
N GLU B 90 36.60 -49.70 -19.42
CA GLU B 90 37.49 -50.79 -19.83
C GLU B 90 38.43 -50.39 -20.96
N ALA B 91 37.87 -49.71 -21.96
CA ALA B 91 38.67 -49.27 -23.10
C ALA B 91 39.87 -48.47 -22.66
N PHE B 92 39.65 -47.50 -21.77
CA PHE B 92 40.75 -46.68 -21.32
C PHE B 92 41.66 -47.44 -20.37
N ALA B 93 41.06 -48.15 -19.42
CA ALA B 93 41.82 -48.90 -18.43
C ALA B 93 42.88 -49.79 -19.06
N ASN B 94 42.54 -50.38 -20.19
CA ASN B 94 43.42 -51.29 -20.93
C ASN B 94 44.66 -50.68 -21.55
N GLN B 95 44.67 -49.35 -21.67
CA GLN B 95 45.80 -48.67 -22.26
C GLN B 95 46.84 -48.25 -21.26
N ILE B 96 46.60 -48.50 -19.97
CA ILE B 96 47.52 -48.09 -18.93
C ILE B 96 48.02 -49.19 -18.01
N LYS B 97 49.26 -49.00 -17.55
CA LYS B 97 49.90 -49.93 -16.62
C LYS B 97 50.55 -49.08 -15.55
N PRO B 98 51.01 -49.69 -14.44
CA PRO B 98 51.64 -48.85 -13.42
C PRO B 98 52.90 -48.17 -13.97
N ASP B 99 53.24 -47.02 -13.38
CA ASP B 99 54.39 -46.22 -13.79
C ASP B 99 54.06 -45.29 -14.94
N THR B 100 52.91 -45.54 -15.58
CA THR B 100 52.45 -44.71 -16.70
C THR B 100 52.01 -43.33 -16.22
N ARG B 101 52.20 -42.32 -17.06
CA ARG B 101 51.79 -40.96 -16.73
C ARG B 101 50.64 -40.54 -17.63
N ILE B 102 49.52 -40.18 -17.01
CA ILE B 102 48.34 -39.75 -17.76
C ILE B 102 48.11 -38.26 -17.56
N ALA B 103 47.67 -37.59 -18.63
CA ALA B 103 47.37 -36.16 -18.57
C ALA B 103 45.86 -36.02 -18.34
N LEU B 104 45.50 -35.33 -17.27
CA LEU B 104 44.09 -35.14 -16.96
C LEU B 104 43.63 -33.77 -17.44
N PHE B 105 42.66 -33.78 -18.36
CA PHE B 105 42.10 -32.56 -18.94
C PHE B 105 40.68 -32.22 -18.51
N GLN B 106 40.32 -30.97 -18.76
CA GLN B 106 39.00 -30.46 -18.47
C GLN B 106 38.47 -29.97 -19.82
N ASP B 107 37.30 -30.45 -20.22
CA ASP B 107 36.69 -30.05 -21.49
C ASP B 107 37.62 -30.35 -22.65
N ASP B 108 38.33 -31.47 -22.54
CA ASP B 108 39.28 -31.87 -23.56
C ASP B 108 39.98 -30.64 -24.11
N GLU B 109 40.47 -29.81 -23.21
CA GLU B 109 41.15 -28.59 -23.63
C GLU B 109 42.09 -28.00 -22.58
N ILE B 110 41.64 -27.94 -21.32
CA ILE B 110 42.48 -27.39 -20.27
C ILE B 110 43.18 -28.49 -19.47
N PRO B 111 44.51 -28.60 -19.59
CA PRO B 111 45.24 -29.63 -18.84
C PRO B 111 45.27 -29.30 -17.35
N ILE B 112 44.71 -30.19 -16.54
CA ILE B 112 44.63 -29.98 -15.10
C ILE B 112 45.80 -30.53 -14.30
N ALA B 113 46.16 -31.79 -14.55
CA ALA B 113 47.26 -32.40 -13.82
C ALA B 113 47.80 -33.65 -14.49
N ILE B 114 48.91 -34.15 -13.94
CA ILE B 114 49.52 -35.36 -14.43
C ILE B 114 49.42 -36.40 -13.32
N LEU B 115 48.78 -37.50 -13.65
CA LEU B 115 48.58 -38.59 -12.71
C LEU B 115 49.57 -39.71 -13.01
N THR B 116 50.37 -40.10 -12.03
CA THR B 116 51.31 -41.19 -12.24
C THR B 116 50.62 -42.44 -11.70
N VAL B 117 50.35 -43.38 -12.59
CA VAL B 117 49.65 -44.61 -12.24
C VAL B 117 50.34 -45.51 -11.24
N GLN B 118 49.57 -45.97 -10.27
CA GLN B 118 50.06 -46.88 -9.25
C GLN B 118 49.42 -48.24 -9.50
N ASP B 119 48.17 -48.22 -9.94
CA ASP B 119 47.44 -49.45 -10.24
C ASP B 119 46.09 -49.20 -10.93
N VAL B 120 45.58 -50.25 -11.56
CA VAL B 120 44.31 -50.19 -12.27
C VAL B 120 43.51 -51.40 -11.79
N TYR B 121 42.40 -51.17 -11.12
CA TYR B 121 41.60 -52.27 -10.61
C TYR B 121 40.12 -52.12 -10.92
N LYS B 122 39.39 -53.22 -10.77
CA LYS B 122 37.96 -53.25 -11.02
C LYS B 122 37.22 -53.47 -9.71
N PRO B 123 36.83 -52.39 -9.04
CA PRO B 123 36.11 -52.48 -7.77
C PRO B 123 34.79 -53.25 -7.83
N ASN B 124 34.43 -53.85 -6.71
CA ASN B 124 33.17 -54.58 -6.60
C ASN B 124 32.19 -53.52 -6.13
N LYS B 125 31.50 -52.91 -7.09
CA LYS B 125 30.57 -51.83 -6.76
C LYS B 125 29.48 -52.18 -5.77
N THR B 126 29.18 -53.46 -5.62
CA THR B 126 28.14 -53.86 -4.67
C THR B 126 28.63 -53.68 -3.24
N ILE B 127 29.91 -53.97 -3.00
CA ILE B 127 30.46 -53.83 -1.66
C ILE B 127 30.58 -52.36 -1.30
N GLU B 128 31.10 -51.58 -2.23
CA GLU B 128 31.25 -50.15 -2.02
C GLU B 128 29.87 -49.56 -1.72
N ALA B 129 28.90 -49.98 -2.52
CA ALA B 129 27.53 -49.51 -2.35
C ALA B 129 26.97 -49.84 -0.97
N GLU B 130 27.16 -51.09 -0.53
CA GLU B 130 26.65 -51.51 0.77
C GLU B 130 27.43 -51.02 1.98
N ARG B 131 28.75 -51.18 1.97
CA ARG B 131 29.57 -50.76 3.11
C ARG B 131 29.71 -49.26 3.24
N VAL B 132 29.77 -48.55 2.12
CA VAL B 132 29.94 -47.11 2.16
C VAL B 132 28.67 -46.27 2.14
N PHE B 133 27.69 -46.67 1.34
CA PHE B 133 26.46 -45.90 1.23
C PHE B 133 25.21 -46.58 1.79
N ARG B 134 25.40 -47.72 2.45
CA ARG B 134 24.31 -48.48 3.07
C ARG B 134 23.42 -49.33 2.15
N GLY B 135 23.88 -49.56 0.92
CA GLY B 135 23.17 -50.44 -0.01
C GLY B 135 21.87 -50.11 -0.74
N ASP B 136 21.03 -49.22 -0.21
CA ASP B 136 19.77 -48.91 -0.89
C ASP B 136 19.99 -48.36 -2.30
N PRO B 137 19.50 -49.07 -3.32
CA PRO B 137 19.61 -48.74 -4.76
C PRO B 137 19.13 -47.35 -5.18
N GLU B 138 18.34 -46.70 -4.34
CA GLU B 138 17.84 -45.37 -4.64
C GLU B 138 18.77 -44.30 -4.09
N HIS B 139 19.70 -44.69 -3.23
CA HIS B 139 20.67 -43.76 -2.65
C HIS B 139 21.46 -43.09 -3.78
N PRO B 140 21.51 -41.75 -3.79
CA PRO B 140 22.22 -40.97 -4.82
C PRO B 140 23.63 -41.42 -5.17
N ALA B 141 24.42 -41.78 -4.17
CA ALA B 141 25.79 -42.22 -4.43
C ALA B 141 25.82 -43.61 -5.08
N ILE B 142 24.86 -44.46 -4.72
CA ILE B 142 24.79 -45.82 -5.27
C ILE B 142 24.33 -45.78 -6.72
N SER B 143 23.34 -44.94 -6.99
CA SER B 143 22.81 -44.80 -8.32
C SER B 143 23.88 -44.24 -9.25
N TYR B 144 24.70 -43.33 -8.71
CA TYR B 144 25.77 -42.76 -9.51
C TYR B 144 26.81 -43.84 -9.78
N LEU B 145 27.18 -44.57 -8.71
CA LEU B 145 28.16 -45.63 -8.78
C LEU B 145 27.88 -46.69 -9.82
N PHE B 146 26.61 -47.05 -9.98
CA PHE B 146 26.21 -48.07 -10.96
C PHE B 146 25.79 -47.55 -12.33
N ASN B 147 25.37 -46.29 -12.41
CA ASN B 147 24.90 -45.76 -13.69
C ASN B 147 25.73 -44.69 -14.36
N VAL B 148 26.69 -44.10 -13.63
CA VAL B 148 27.51 -43.04 -14.21
C VAL B 148 28.99 -43.32 -14.07
N ALA B 149 29.38 -43.86 -12.91
CA ALA B 149 30.78 -44.14 -12.63
C ALA B 149 31.37 -45.20 -13.55
N GLY B 150 32.67 -45.09 -13.83
CA GLY B 150 33.30 -46.10 -14.65
C GLY B 150 33.44 -47.37 -13.82
N ASP B 151 33.68 -48.50 -14.46
CA ASP B 151 33.81 -49.75 -13.73
C ASP B 151 35.26 -50.05 -13.32
N TYR B 152 36.18 -49.17 -13.71
CA TYR B 152 37.59 -49.35 -13.35
C TYR B 152 38.12 -48.11 -12.66
N TYR B 153 38.90 -48.31 -11.61
CA TYR B 153 39.51 -47.21 -10.87
C TYR B 153 41.02 -47.17 -11.17
N VAL B 154 41.58 -45.97 -11.18
CA VAL B 154 43.00 -45.83 -11.45
C VAL B 154 43.67 -45.12 -10.29
N GLY B 155 44.30 -45.88 -9.40
CA GLY B 155 45.00 -45.27 -8.28
C GLY B 155 46.25 -44.63 -8.83
N GLY B 156 46.66 -43.51 -8.25
CA GLY B 156 47.87 -42.84 -8.72
C GLY B 156 48.06 -41.50 -8.05
N SER B 157 49.28 -40.99 -8.08
CA SER B 157 49.59 -39.70 -7.48
C SER B 157 49.50 -38.58 -8.50
N LEU B 158 49.15 -37.39 -8.01
CA LEU B 158 49.00 -36.23 -8.87
C LEU B 158 50.12 -35.21 -8.77
N GLU B 159 50.25 -34.44 -9.84
CA GLU B 159 51.19 -33.33 -9.94
C GLU B 159 50.30 -32.28 -10.59
N ALA B 160 50.01 -31.21 -9.85
CA ALA B 160 49.12 -30.14 -10.30
C ALA B 160 49.62 -29.19 -11.38
N ILE B 161 48.76 -28.90 -12.35
CA ILE B 161 49.07 -27.94 -13.40
C ILE B 161 48.24 -26.69 -13.07
N GLN B 162 46.99 -26.90 -12.70
CA GLN B 162 46.11 -25.81 -12.30
C GLN B 162 44.78 -26.38 -11.83
N LEU B 163 44.09 -25.67 -10.94
CA LEU B 163 42.80 -26.11 -10.44
C LEU B 163 41.80 -25.99 -11.58
N PRO B 164 40.74 -26.82 -11.57
CA PRO B 164 39.75 -26.74 -12.65
C PRO B 164 39.22 -25.32 -12.83
N GLN B 165 38.97 -24.98 -14.09
CA GLN B 165 38.49 -23.65 -14.48
C GLN B 165 37.05 -23.30 -14.09
N HIS B 166 36.87 -22.10 -13.57
CA HIS B 166 35.55 -21.58 -13.18
C HIS B 166 35.45 -20.12 -13.58
N TYR B 167 34.38 -19.74 -14.26
CA TYR B 167 34.24 -18.34 -14.66
C TYR B 167 33.24 -17.58 -13.78
N ASP B 168 32.55 -18.31 -12.92
CA ASP B 168 31.58 -17.70 -12.02
C ASP B 168 32.14 -17.62 -10.61
N TYR B 169 31.82 -16.52 -9.93
CA TYR B 169 32.27 -16.28 -8.55
C TYR B 169 33.78 -16.44 -8.35
N PRO B 170 34.59 -15.82 -9.21
CA PRO B 170 36.05 -15.90 -9.10
C PRO B 170 36.59 -15.56 -7.73
N GLY B 171 36.01 -14.57 -7.09
CA GLY B 171 36.48 -14.17 -5.78
C GLY B 171 36.07 -15.03 -4.60
N LEU B 172 34.94 -15.72 -4.73
CA LEU B 172 34.42 -16.54 -3.66
C LEU B 172 34.92 -17.97 -3.47
N ARG B 173 35.42 -18.60 -4.52
CA ARG B 173 35.91 -19.99 -4.39
C ARG B 173 37.29 -20.04 -3.73
N LYS B 174 37.34 -19.68 -2.46
CA LYS B 174 38.60 -19.64 -1.71
C LYS B 174 39.18 -21.01 -1.46
N THR B 175 40.49 -21.11 -1.60
CA THR B 175 41.19 -22.38 -1.36
C THR B 175 41.54 -22.42 0.13
N PRO B 176 41.88 -23.62 0.65
CA PRO B 176 42.23 -23.71 2.07
C PRO B 176 43.29 -22.67 2.47
N ALA B 177 44.34 -22.55 1.66
CA ALA B 177 45.38 -21.58 1.95
C ALA B 177 44.82 -20.15 1.98
N GLN B 178 44.02 -19.82 0.97
CA GLN B 178 43.43 -18.49 0.89
C GLN B 178 42.45 -18.22 2.03
N LEU B 179 41.66 -19.22 2.42
CA LEU B 179 40.70 -19.00 3.49
C LEU B 179 41.45 -18.72 4.77
N ARG B 180 42.48 -19.52 5.04
CA ARG B 180 43.28 -19.35 6.25
C ARG B 180 43.83 -17.92 6.31
N LEU B 181 44.31 -17.40 5.19
CA LEU B 181 44.82 -16.03 5.16
C LEU B 181 43.70 -15.06 5.47
N GLU B 182 42.51 -15.35 4.95
CA GLU B 182 41.33 -14.52 5.16
C GLU B 182 41.09 -14.38 6.64
N PHE B 183 41.03 -15.51 7.31
CA PHE B 183 40.79 -15.56 8.75
C PHE B 183 41.87 -14.82 9.51
N GLN B 184 43.12 -15.02 9.09
CA GLN B 184 44.24 -14.36 9.76
C GLN B 184 44.17 -12.85 9.62
N SER B 185 44.05 -12.36 8.40
CA SER B 185 43.99 -10.91 8.20
C SER B 185 42.96 -10.34 9.15
N ARG B 186 42.02 -11.18 9.55
CA ARG B 186 40.95 -10.72 10.43
C ARG B 186 41.20 -11.12 11.88
N GLN B 187 42.28 -11.86 12.11
CA GLN B 187 42.62 -12.31 13.46
C GLN B 187 41.54 -13.23 13.99
N TRP B 188 41.06 -14.09 13.11
CA TRP B 188 40.04 -15.04 13.48
C TRP B 188 40.74 -16.34 13.83
N ASP B 189 40.70 -16.72 15.09
CA ASP B 189 41.32 -17.96 15.52
C ASP B 189 40.28 -18.99 15.93
N ARG B 190 39.02 -18.59 15.93
CA ARG B 190 37.90 -19.45 16.26
C ARG B 190 36.88 -19.21 15.15
N VAL B 191 36.59 -20.24 14.37
CA VAL B 191 35.66 -20.10 13.27
C VAL B 191 34.81 -21.36 13.14
N VAL B 192 33.49 -21.22 13.31
CA VAL B 192 32.62 -22.39 13.17
C VAL B 192 32.05 -22.39 11.75
N ALA B 193 32.29 -23.50 11.03
CA ALA B 193 31.84 -23.65 9.66
C ALA B 193 30.47 -24.31 9.55
N PHE B 194 29.67 -23.81 8.60
CA PHE B 194 28.33 -24.34 8.36
C PHE B 194 28.23 -24.93 6.96
N GLN B 195 28.04 -26.24 6.86
CA GLN B 195 27.89 -26.91 5.58
C GLN B 195 26.44 -26.70 5.13
N THR B 196 26.23 -26.76 3.80
CA THR B 196 24.89 -26.63 3.23
C THR B 196 24.85 -26.79 1.71
N ARG B 197 23.71 -27.29 1.23
CA ARG B 197 23.46 -27.50 -0.19
C ARG B 197 22.09 -26.94 -0.54
N ASN B 198 21.41 -26.37 0.46
CA ASN B 198 20.08 -25.80 0.29
C ASN B 198 20.11 -24.33 0.58
N PRO B 199 19.06 -23.61 0.19
CA PRO B 199 19.06 -22.19 0.49
C PRO B 199 18.87 -22.04 2.00
N MET B 200 19.46 -21.01 2.59
CA MET B 200 19.32 -20.78 4.02
C MET B 200 18.07 -19.97 4.35
N HIS B 201 17.30 -20.47 5.30
CA HIS B 201 16.08 -19.78 5.73
C HIS B 201 16.30 -19.31 7.16
N ARG B 202 15.27 -18.75 7.79
CA ARG B 202 15.41 -18.26 9.15
C ARG B 202 15.95 -19.25 10.18
N ALA B 203 15.52 -20.50 10.10
CA ALA B 203 15.99 -21.49 11.05
C ALA B 203 17.50 -21.57 11.01
N HIS B 204 18.05 -21.68 9.81
CA HIS B 204 19.49 -21.77 9.60
C HIS B 204 20.25 -20.57 10.12
N ARG B 205 19.76 -19.37 9.84
CA ARG B 205 20.41 -18.17 10.31
C ARG B 205 20.51 -18.23 11.83
N GLU B 206 19.42 -18.62 12.50
CA GLU B 206 19.44 -18.71 13.96
C GLU B 206 20.38 -19.83 14.42
N LEU B 207 20.30 -20.97 13.74
CA LEU B 207 21.16 -22.09 14.06
C LEU B 207 22.62 -21.65 14.03
N THR B 208 23.05 -21.07 12.92
CA THR B 208 24.44 -20.63 12.79
C THR B 208 24.85 -19.57 13.83
N VAL B 209 23.96 -18.65 14.16
CA VAL B 209 24.28 -17.63 15.15
C VAL B 209 24.41 -18.26 16.53
N ARG B 210 23.51 -19.19 16.83
CA ARG B 210 23.56 -19.87 18.11
C ARG B 210 24.93 -20.52 18.24
N ALA B 211 25.37 -21.17 17.16
CA ALA B 211 26.68 -21.83 17.14
C ALA B 211 27.79 -20.82 17.36
N ALA B 212 27.72 -19.67 16.69
CA ALA B 212 28.75 -18.65 16.86
C ALA B 212 28.84 -18.26 18.35
N ARG B 213 27.67 -18.13 18.97
CA ARG B 213 27.60 -17.76 20.39
C ARG B 213 28.07 -18.89 21.29
N GLU B 214 27.63 -20.12 21.01
CA GLU B 214 28.04 -21.28 21.81
C GLU B 214 29.55 -21.48 21.78
N ALA B 215 30.11 -21.49 20.57
CA ALA B 215 31.54 -21.71 20.39
C ALA B 215 32.38 -20.47 20.60
N ASN B 216 31.73 -19.31 20.68
CA ASN B 216 32.49 -18.08 20.86
C ASN B 216 33.39 -17.97 19.65
N ALA B 217 32.82 -18.14 18.47
CA ALA B 217 33.58 -18.11 17.25
C ALA B 217 32.88 -17.34 16.13
N LYS B 218 33.66 -16.94 15.12
CA LYS B 218 33.12 -16.25 13.97
C LYS B 218 32.46 -17.30 13.09
N VAL B 219 31.54 -16.85 12.23
CA VAL B 219 30.79 -17.75 11.35
C VAL B 219 31.31 -17.84 9.93
N LEU B 220 31.46 -19.07 9.45
CA LEU B 220 31.88 -19.31 8.08
C LEU B 220 30.77 -20.04 7.34
N ILE B 221 30.13 -19.37 6.38
CA ILE B 221 29.09 -20.02 5.57
C ILE B 221 29.90 -20.69 4.47
N HIS B 222 29.97 -22.01 4.48
CA HIS B 222 30.78 -22.75 3.50
C HIS B 222 29.93 -23.68 2.61
N PRO B 223 29.07 -23.11 1.77
CA PRO B 223 28.20 -23.92 0.89
C PRO B 223 28.87 -24.69 -0.25
N VAL B 224 28.23 -25.79 -0.61
CA VAL B 224 28.69 -26.65 -1.71
C VAL B 224 28.16 -26.15 -3.05
N VAL B 225 29.07 -25.91 -3.98
CA VAL B 225 28.70 -25.45 -5.32
C VAL B 225 29.32 -26.37 -6.35
N GLY B 226 29.75 -27.53 -5.88
CA GLY B 226 30.35 -28.52 -6.75
C GLY B 226 29.32 -29.49 -7.33
N LEU B 227 28.69 -30.27 -6.47
CA LEU B 227 27.68 -31.24 -6.89
C LEU B 227 26.94 -31.74 -5.65
N THR B 228 25.63 -31.65 -5.67
CA THR B 228 24.82 -32.06 -4.54
C THR B 228 23.78 -33.11 -4.87
N LYS B 229 22.66 -33.10 -4.14
CA LYS B 229 21.58 -34.06 -4.37
C LYS B 229 20.79 -33.70 -5.63
N PRO B 230 20.52 -34.70 -6.49
CA PRO B 230 19.77 -34.42 -7.72
C PRO B 230 18.45 -33.73 -7.40
N GLY B 231 18.12 -32.72 -8.18
CA GLY B 231 16.90 -31.99 -7.96
C GLY B 231 17.08 -30.81 -7.02
N ASP B 232 18.29 -30.64 -6.49
CA ASP B 232 18.57 -29.52 -5.58
C ASP B 232 18.45 -28.20 -6.34
N ILE B 233 18.42 -27.10 -5.59
CA ILE B 233 18.35 -25.77 -6.21
C ILE B 233 19.76 -25.52 -6.76
N ASP B 234 19.86 -25.07 -8.02
CA ASP B 234 21.17 -24.82 -8.62
C ASP B 234 21.99 -23.92 -7.70
N HIS B 235 23.31 -24.00 -7.80
CA HIS B 235 24.15 -23.20 -6.92
C HIS B 235 24.12 -21.70 -7.19
N HIS B 236 23.86 -21.30 -8.43
CA HIS B 236 23.81 -19.87 -8.76
C HIS B 236 22.73 -19.20 -7.93
N THR B 237 21.54 -19.80 -7.93
CA THR B 237 20.42 -19.28 -7.15
C THR B 237 20.82 -19.29 -5.66
N ARG B 238 21.31 -20.43 -5.18
CA ARG B 238 21.72 -20.51 -3.77
C ARG B 238 22.77 -19.44 -3.41
N VAL B 239 23.78 -19.26 -4.26
CA VAL B 239 24.78 -18.24 -3.96
C VAL B 239 24.07 -16.89 -3.78
N ARG B 240 23.15 -16.56 -4.68
CA ARG B 240 22.41 -15.30 -4.58
C ARG B 240 21.66 -15.27 -3.24
N VAL B 241 21.11 -16.41 -2.83
CA VAL B 241 20.43 -16.48 -1.55
C VAL B 241 21.41 -16.27 -0.41
N TYR B 242 22.56 -16.95 -0.46
CA TYR B 242 23.58 -16.83 0.59
C TYR B 242 24.08 -15.38 0.72
N GLN B 243 24.48 -14.80 -0.41
CA GLN B 243 24.96 -13.42 -0.37
C GLN B 243 23.89 -12.51 0.22
N GLU B 244 22.63 -12.86 0.01
CA GLU B 244 21.53 -12.06 0.51
C GLU B 244 21.33 -12.25 2.01
N ILE B 245 21.31 -13.50 2.46
CA ILE B 245 21.11 -13.78 3.88
C ILE B 245 22.28 -13.41 4.80
N ILE B 246 23.49 -13.36 4.23
CA ILE B 246 24.70 -13.03 4.98
C ILE B 246 24.59 -11.62 5.57
N LYS B 247 23.75 -10.80 4.92
CA LYS B 247 23.53 -9.42 5.35
C LYS B 247 22.66 -9.34 6.60
N ARG B 248 22.06 -10.46 6.99
CA ARG B 248 21.20 -10.47 8.17
C ARG B 248 22.01 -10.80 9.42
N TYR B 249 23.32 -10.95 9.24
CA TYR B 249 24.21 -11.23 10.35
C TYR B 249 24.81 -9.93 10.83
N PRO B 250 25.16 -9.84 12.12
CA PRO B 250 25.76 -8.57 12.55
C PRO B 250 27.07 -8.31 11.80
N ASN B 251 27.31 -7.05 11.50
CA ASN B 251 28.50 -6.63 10.77
C ASN B 251 29.80 -7.26 11.22
N GLY B 252 30.45 -7.94 10.28
CA GLY B 252 31.72 -8.58 10.55
C GLY B 252 31.72 -9.79 11.44
N ILE B 253 30.70 -10.61 11.36
CA ILE B 253 30.65 -11.80 12.20
C ILE B 253 30.70 -13.08 11.35
N ALA B 254 30.37 -12.93 10.06
CA ALA B 254 30.34 -14.06 9.14
C ALA B 254 31.11 -13.78 7.86
N PHE B 255 31.61 -14.87 7.26
CA PHE B 255 32.37 -14.82 6.02
C PHE B 255 31.80 -15.88 5.09
N LEU B 256 31.71 -15.56 3.80
CA LEU B 256 31.18 -16.50 2.84
C LEU B 256 32.28 -17.01 1.94
N SER B 257 32.27 -18.33 1.72
CA SER B 257 33.22 -18.99 0.85
C SER B 257 32.55 -20.20 0.21
N LEU B 258 32.74 -20.32 -1.10
CA LEU B 258 32.16 -21.42 -1.87
C LEU B 258 33.08 -22.62 -1.92
N LEU B 259 32.52 -23.79 -1.62
CA LEU B 259 33.25 -25.05 -1.60
C LEU B 259 32.87 -25.89 -2.82
N PRO B 260 33.82 -26.09 -3.75
CA PRO B 260 33.56 -26.88 -4.96
C PRO B 260 33.57 -28.38 -4.70
N LEU B 261 32.88 -28.80 -3.65
CA LEU B 261 32.82 -30.20 -3.28
C LEU B 261 31.76 -30.98 -4.03
N ALA B 262 32.02 -32.26 -4.28
CA ALA B 262 31.05 -33.11 -4.94
C ALA B 262 30.54 -34.06 -3.84
N MET B 263 29.39 -33.72 -3.26
CA MET B 263 28.81 -34.54 -2.21
C MET B 263 28.40 -35.94 -2.69
N ARG B 264 28.21 -36.84 -1.75
CA ARG B 264 27.78 -38.21 -2.06
C ARG B 264 26.48 -38.44 -1.31
N MET B 265 26.06 -37.44 -0.55
CA MET B 265 24.85 -37.54 0.26
C MET B 265 25.00 -38.79 1.12
N SER B 266 26.19 -38.97 1.69
CA SER B 266 26.47 -40.16 2.50
C SER B 266 26.27 -40.00 4.01
N GLY B 267 25.23 -39.28 4.38
CA GLY B 267 24.92 -39.08 5.78
C GLY B 267 26.09 -39.06 6.75
N ASP B 268 26.05 -39.94 7.74
CA ASP B 268 27.10 -39.98 8.75
C ASP B 268 28.55 -40.04 8.22
N ARG B 269 28.84 -40.90 7.25
CA ARG B 269 30.20 -40.95 6.72
C ARG B 269 30.60 -39.61 6.14
N GLU B 270 29.69 -39.03 5.36
CA GLU B 270 29.98 -37.75 4.74
C GLU B 270 30.20 -36.68 5.80
N ALA B 271 29.45 -36.75 6.90
CA ALA B 271 29.61 -35.77 7.96
C ALA B 271 31.06 -35.78 8.46
N VAL B 272 31.60 -36.99 8.69
CA VAL B 272 32.97 -37.16 9.16
C VAL B 272 33.88 -36.53 8.11
N TRP B 273 33.62 -36.88 6.87
CA TRP B 273 34.38 -36.37 5.74
C TRP B 273 34.33 -34.83 5.67
N HIS B 274 33.13 -34.26 5.81
CA HIS B 274 32.93 -32.82 5.78
C HIS B 274 33.76 -32.10 6.85
N ALA B 275 33.75 -32.69 8.05
CA ALA B 275 34.50 -32.14 9.17
C ALA B 275 36.00 -32.12 8.84
N ILE B 276 36.50 -33.22 8.28
CA ILE B 276 37.92 -33.31 7.90
C ILE B 276 38.23 -32.23 6.88
N ILE B 277 37.32 -32.05 5.92
CA ILE B 277 37.51 -31.06 4.89
C ILE B 277 37.48 -29.66 5.48
N ARG B 278 36.52 -29.38 6.34
CA ARG B 278 36.46 -28.06 6.94
C ARG B 278 37.69 -27.77 7.81
N LYS B 279 38.24 -28.81 8.43
CA LYS B 279 39.44 -28.63 9.23
C LYS B 279 40.57 -28.20 8.30
N ASN B 280 40.73 -28.91 7.18
CA ASN B 280 41.78 -28.56 6.24
C ASN B 280 41.65 -27.11 5.80
N TYR B 281 40.42 -26.63 5.67
CA TYR B 281 40.15 -25.27 5.24
C TYR B 281 40.34 -24.18 6.29
N GLY B 282 40.70 -24.58 7.51
CA GLY B 282 40.93 -23.58 8.56
C GLY B 282 39.87 -23.40 9.62
N ALA B 283 38.82 -24.20 9.61
CA ALA B 283 37.77 -24.07 10.61
C ALA B 283 38.20 -24.73 11.92
N SER B 284 37.75 -24.17 13.03
CA SER B 284 38.07 -24.72 14.36
C SER B 284 36.84 -25.43 14.92
N HIS B 285 35.69 -25.18 14.28
CA HIS B 285 34.44 -25.80 14.67
C HIS B 285 33.62 -26.13 13.44
N PHE B 286 32.83 -27.19 13.52
CA PHE B 286 31.97 -27.62 12.43
C PHE B 286 30.59 -28.03 12.96
N ILE B 287 29.55 -27.47 12.35
CA ILE B 287 28.18 -27.76 12.75
C ILE B 287 27.69 -29.08 12.15
N VAL B 288 26.91 -29.84 12.90
CA VAL B 288 26.34 -31.08 12.41
C VAL B 288 24.92 -31.18 12.96
N GLY B 289 23.96 -30.74 12.15
CA GLY B 289 22.56 -30.76 12.56
C GLY B 289 21.86 -32.07 12.26
N ARG B 290 20.54 -31.99 12.12
CA ARG B 290 19.71 -33.16 11.86
C ARG B 290 19.86 -33.70 10.43
N ASP B 291 19.95 -35.01 10.30
CA ASP B 291 20.10 -35.64 9.00
C ASP B 291 21.15 -34.93 8.14
N HIS B 292 22.32 -34.69 8.73
CA HIS B 292 23.41 -34.01 8.04
C HIS B 292 23.84 -34.86 6.85
N ALA B 293 23.90 -34.23 5.68
CA ALA B 293 24.29 -34.90 4.44
C ALA B 293 23.40 -36.11 4.10
N GLY B 294 22.19 -36.13 4.65
CA GLY B 294 21.29 -37.23 4.39
C GLY B 294 20.35 -36.96 3.22
N PRO B 295 20.07 -37.97 2.38
CA PRO B 295 19.18 -37.80 1.24
C PRO B 295 17.68 -38.04 1.52
N GLY B 296 17.28 -37.87 2.78
CA GLY B 296 15.89 -38.08 3.13
C GLY B 296 15.44 -39.53 3.18
N LYS B 297 14.29 -39.80 2.57
CA LYS B 297 13.72 -41.15 2.55
C LYS B 297 13.66 -41.70 1.12
N ASN B 298 13.56 -43.02 1.02
CA ASN B 298 13.47 -43.67 -0.29
C ASN B 298 11.99 -43.72 -0.69
N SER B 299 11.72 -44.23 -1.89
CA SER B 299 10.34 -44.33 -2.39
C SER B 299 9.37 -45.03 -1.42
N LYS B 300 9.91 -45.88 -0.54
CA LYS B 300 9.08 -46.61 0.42
C LYS B 300 8.81 -45.80 1.69
N GLY B 301 9.38 -44.60 1.77
CA GLY B 301 9.18 -43.75 2.93
C GLY B 301 10.13 -43.98 4.10
N VAL B 302 11.09 -44.87 3.92
CA VAL B 302 12.05 -45.18 4.97
C VAL B 302 13.31 -44.31 4.83
N ASP B 303 13.84 -43.92 5.98
CA ASP B 303 15.05 -43.09 6.08
C ASP B 303 16.30 -43.76 5.54
N PHE B 304 17.15 -43.00 4.85
CA PHE B 304 18.41 -43.55 4.36
C PHE B 304 19.34 -43.61 5.56
N TYR B 305 19.16 -42.65 6.47
CA TYR B 305 19.94 -42.56 7.71
C TYR B 305 19.05 -42.07 8.84
N GLY B 306 19.42 -42.39 10.07
CA GLY B 306 18.67 -41.92 11.22
C GLY B 306 18.91 -40.43 11.28
N PRO B 307 17.95 -39.65 11.78
CA PRO B 307 18.15 -38.20 11.85
C PRO B 307 19.37 -37.75 12.62
N TYR B 308 19.97 -38.67 13.39
CA TYR B 308 21.15 -38.30 14.15
C TYR B 308 22.29 -39.28 14.05
N ASP B 309 22.31 -40.08 13.00
CA ASP B 309 23.38 -41.04 12.82
C ASP B 309 24.71 -40.29 12.66
N ALA B 310 24.69 -39.25 11.83
CA ALA B 310 25.89 -38.44 11.55
C ALA B 310 26.48 -37.92 12.85
N GLN B 311 25.63 -37.41 13.72
CA GLN B 311 26.10 -36.88 14.98
C GLN B 311 26.75 -37.97 15.81
N GLU B 312 26.15 -39.15 15.81
CA GLU B 312 26.71 -40.26 16.58
C GLU B 312 28.07 -40.67 16.04
N LEU B 313 28.16 -40.84 14.72
CA LEU B 313 29.42 -41.22 14.10
C LEU B 313 30.52 -40.20 14.35
N VAL B 314 30.19 -38.92 14.19
CA VAL B 314 31.14 -37.84 14.41
C VAL B 314 31.61 -37.83 15.88
N GLU B 315 30.68 -38.12 16.78
CA GLU B 315 30.95 -38.15 18.20
C GLU B 315 31.97 -39.22 18.54
N SER B 316 31.86 -40.38 17.88
CA SER B 316 32.77 -41.48 18.13
C SER B 316 34.18 -41.28 17.59
N TYR B 317 34.38 -40.31 16.70
CA TYR B 317 35.70 -40.02 16.15
C TYR B 317 36.20 -38.70 16.71
N LYS B 318 35.41 -38.16 17.63
CA LYS B 318 35.68 -36.90 18.31
C LYS B 318 37.13 -36.60 18.69
N HIS B 319 37.78 -37.57 19.33
CA HIS B 319 39.14 -37.36 19.79
C HIS B 319 40.21 -37.39 18.73
N GLU B 320 39.87 -37.77 17.51
CA GLU B 320 40.88 -37.76 16.47
C GLU B 320 40.55 -36.86 15.29
N LEU B 321 39.37 -36.24 15.30
CA LEU B 321 38.97 -35.33 14.23
C LEU B 321 39.77 -34.04 14.38
N ASP B 322 40.12 -33.72 15.62
CA ASP B 322 40.90 -32.54 15.93
C ASP B 322 40.26 -31.23 15.49
N ILE B 323 38.94 -31.25 15.36
CA ILE B 323 38.16 -30.07 15.02
C ILE B 323 36.90 -30.25 15.86
N GLU B 324 36.51 -29.24 16.60
CA GLU B 324 35.35 -29.35 17.45
C GLU B 324 34.01 -29.31 16.72
N VAL B 325 33.13 -30.28 17.03
CA VAL B 325 31.82 -30.36 16.41
C VAL B 325 30.69 -29.75 17.25
N VAL B 326 29.96 -28.83 16.66
CA VAL B 326 28.83 -28.21 17.36
C VAL B 326 27.57 -28.91 16.86
N PRO B 327 27.08 -29.89 17.63
CA PRO B 327 25.87 -30.64 17.26
C PRO B 327 24.57 -29.91 17.53
N PHE B 328 23.59 -30.12 16.66
CA PHE B 328 22.29 -29.47 16.81
C PHE B 328 21.19 -30.48 16.55
N ARG B 329 20.11 -30.35 17.31
CA ARG B 329 18.96 -31.21 17.18
C ARG B 329 18.01 -30.37 16.35
N MET B 330 16.95 -30.99 15.87
CA MET B 330 15.95 -30.29 15.06
C MET B 330 15.70 -28.86 15.55
N VAL B 331 15.95 -27.87 14.69
CA VAL B 331 15.70 -26.49 15.09
C VAL B 331 14.35 -26.13 14.49
N THR B 332 13.38 -25.84 15.34
CA THR B 332 12.05 -25.51 14.86
C THR B 332 11.54 -24.14 15.31
N TYR B 333 10.39 -23.76 14.74
CA TYR B 333 9.78 -22.47 15.03
C TYR B 333 8.76 -22.50 16.18
N LEU B 334 8.77 -21.43 16.96
CA LEU B 334 7.86 -21.31 18.09
C LEU B 334 6.90 -20.15 17.85
N PRO B 335 5.71 -20.45 17.30
CA PRO B 335 4.69 -19.44 17.01
C PRO B 335 4.47 -18.49 18.18
N ASP B 336 3.91 -19.03 19.25
CA ASP B 336 3.60 -18.30 20.46
C ASP B 336 4.69 -17.39 21.01
N GLU B 337 5.94 -17.62 20.62
CA GLU B 337 7.03 -16.78 21.11
C GLU B 337 7.80 -16.10 19.99
N ASP B 338 7.40 -16.40 18.74
CA ASP B 338 8.06 -15.84 17.56
C ASP B 338 9.58 -15.94 17.70
N ARG B 339 10.09 -17.15 17.52
CA ARG B 339 11.52 -17.40 17.60
C ARG B 339 11.75 -18.89 17.38
N TYR B 340 12.96 -19.23 16.96
CA TYR B 340 13.30 -20.62 16.72
C TYR B 340 14.10 -21.12 17.90
N ALA B 341 14.22 -22.44 18.01
CA ALA B 341 14.97 -23.03 19.11
C ALA B 341 15.16 -24.51 18.88
N PRO B 342 16.24 -25.08 19.43
CA PRO B 342 16.50 -26.51 19.29
C PRO B 342 15.34 -27.27 19.91
N ILE B 343 14.86 -28.30 19.23
CA ILE B 343 13.73 -29.07 19.73
C ILE B 343 14.04 -29.80 21.03
N ASP B 344 15.31 -30.02 21.31
CA ASP B 344 15.72 -30.74 22.52
C ASP B 344 15.55 -29.92 23.79
N GLN B 345 15.23 -28.64 23.65
CA GLN B 345 15.05 -27.80 24.82
C GLN B 345 13.69 -27.09 24.88
N ILE B 346 12.63 -27.81 24.54
CA ILE B 346 11.26 -27.28 24.57
C ILE B 346 10.19 -28.36 24.69
N ASP B 347 9.29 -28.38 23.70
CA ASP B 347 8.19 -29.32 23.63
C ASP B 347 7.39 -29.41 24.92
N THR B 348 7.31 -30.61 25.50
CA THR B 348 6.56 -30.86 26.72
C THR B 348 5.10 -30.50 26.44
N THR B 349 4.80 -30.27 25.16
CA THR B 349 3.45 -29.89 24.74
C THR B 349 3.13 -28.49 25.26
N LYS B 350 3.83 -28.07 26.31
CA LYS B 350 3.62 -26.76 26.90
C LYS B 350 3.83 -25.65 25.87
N THR B 351 4.46 -26.00 24.75
CA THR B 351 4.71 -25.03 23.67
C THR B 351 4.45 -25.65 22.31
N ARG B 352 3.77 -24.89 21.44
CA ARG B 352 3.45 -25.34 20.09
C ARG B 352 4.53 -24.92 19.12
N THR B 353 4.92 -25.84 18.24
CA THR B 353 5.96 -25.57 17.25
C THR B 353 5.40 -25.51 15.83
N LEU B 354 6.27 -25.18 14.88
CA LEU B 354 5.90 -25.11 13.47
C LEU B 354 7.11 -25.41 12.60
N ASN B 355 6.90 -26.20 11.56
CA ASN B 355 7.97 -26.59 10.65
C ASN B 355 7.50 -26.78 9.20
N ILE B 356 8.11 -26.04 8.28
CA ILE B 356 7.78 -26.13 6.85
C ILE B 356 8.86 -26.94 6.12
N SER B 357 8.69 -28.26 6.07
CA SER B 357 9.66 -29.12 5.41
C SER B 357 9.96 -28.65 3.99
N GLY B 358 11.10 -29.09 3.45
CA GLY B 358 11.47 -28.71 2.09
C GLY B 358 10.37 -29.08 1.10
N THR B 359 9.79 -30.27 1.28
CA THR B 359 8.71 -30.72 0.42
C THR B 359 7.70 -29.58 0.31
N GLU B 360 6.98 -29.36 1.41
CA GLU B 360 5.98 -28.31 1.48
C GLU B 360 6.47 -26.98 0.88
N LEU B 361 7.79 -26.74 0.99
CA LEU B 361 8.38 -25.52 0.46
C LEU B 361 8.26 -25.41 -1.05
N ARG B 362 8.60 -26.49 -1.76
CA ARG B 362 8.51 -26.49 -3.21
C ARG B 362 7.06 -26.30 -3.63
N ARG B 363 6.15 -26.95 -2.89
CA ARG B 363 4.73 -26.86 -3.20
C ARG B 363 4.26 -25.41 -3.36
N ARG B 364 4.58 -24.57 -2.39
CA ARG B 364 4.19 -23.16 -2.47
C ARG B 364 4.87 -22.50 -3.65
N LEU B 365 6.14 -22.84 -3.86
CA LEU B 365 6.93 -22.28 -4.97
C LEU B 365 6.34 -22.66 -6.32
N ARG B 366 5.79 -23.86 -6.39
CA ARG B 366 5.19 -24.35 -7.61
C ARG B 366 3.71 -23.93 -7.73
N VAL B 367 3.09 -23.61 -6.60
CA VAL B 367 1.68 -23.21 -6.61
C VAL B 367 1.47 -21.71 -6.37
N GLY B 368 2.56 -20.94 -6.34
CA GLY B 368 2.44 -19.50 -6.11
C GLY B 368 1.99 -19.18 -4.70
N GLY B 369 2.09 -20.17 -3.81
CA GLY B 369 1.70 -19.98 -2.43
C GLY B 369 2.49 -18.88 -1.76
N GLU B 370 2.04 -18.44 -0.59
CA GLU B 370 2.73 -17.40 0.12
C GLU B 370 3.56 -17.97 1.26
N ILE B 371 4.89 -17.87 1.14
CA ILE B 371 5.80 -18.37 2.16
C ILE B 371 5.85 -17.43 3.36
N PRO B 372 5.49 -17.93 4.55
CA PRO B 372 5.46 -17.22 5.84
C PRO B 372 6.65 -16.32 6.14
N GLU B 373 6.37 -15.13 6.64
CA GLU B 373 7.41 -14.18 6.99
C GLU B 373 8.37 -14.76 8.02
N TRP B 374 7.85 -15.64 8.87
CA TRP B 374 8.68 -16.26 9.91
C TRP B 374 9.60 -17.33 9.36
N PHE B 375 9.15 -18.05 8.33
CA PHE B 375 9.95 -19.13 7.74
C PHE B 375 11.26 -18.67 7.09
N SER B 376 11.14 -17.74 6.14
CA SER B 376 12.32 -17.25 5.45
C SER B 376 12.21 -15.76 5.21
N TYR B 377 13.33 -15.12 4.91
CA TYR B 377 13.33 -13.69 4.63
C TYR B 377 12.68 -13.45 3.28
N PRO B 378 12.03 -12.28 3.11
CA PRO B 378 11.36 -11.93 1.86
C PRO B 378 12.30 -11.92 0.65
N GLU B 379 13.43 -11.25 0.80
CA GLU B 379 14.44 -11.16 -0.25
C GLU B 379 14.87 -12.55 -0.75
N VAL B 380 14.90 -13.52 0.16
CA VAL B 380 15.28 -14.88 -0.19
C VAL B 380 14.20 -15.56 -1.02
N VAL B 381 12.95 -15.49 -0.55
CA VAL B 381 11.86 -16.12 -1.29
C VAL B 381 11.74 -15.51 -2.68
N LYS B 382 11.95 -14.21 -2.78
CA LYS B 382 11.87 -13.52 -4.06
C LYS B 382 12.85 -14.18 -5.02
N ILE B 383 14.09 -14.36 -4.57
CA ILE B 383 15.11 -14.98 -5.38
C ILE B 383 14.72 -16.40 -5.77
N LEU B 384 14.13 -17.12 -4.82
CA LEU B 384 13.73 -18.50 -5.08
C LEU B 384 12.60 -18.59 -6.09
N ARG B 385 11.54 -17.81 -5.90
CA ARG B 385 10.40 -17.81 -6.81
C ARG B 385 10.88 -17.51 -8.22
N GLU B 386 11.80 -16.55 -8.30
CA GLU B 386 12.37 -16.11 -9.58
C GLU B 386 13.15 -17.21 -10.31
N SER B 387 13.70 -18.15 -9.57
CA SER B 387 14.46 -19.25 -10.18
C SER B 387 13.58 -20.47 -10.40
N ASN B 388 12.57 -20.61 -9.55
CA ASN B 388 11.63 -21.71 -9.64
C ASN B 388 10.23 -21.10 -9.62
N PRO B 389 9.82 -20.52 -10.76
CA PRO B 389 8.52 -19.88 -10.94
C PRO B 389 7.33 -20.80 -10.73
N PRO B 390 6.19 -20.22 -10.37
CA PRO B 390 4.98 -21.01 -10.15
C PRO B 390 4.46 -21.55 -11.49
N ARG B 391 3.59 -22.55 -11.44
CA ARG B 391 3.04 -23.14 -12.64
C ARG B 391 2.60 -22.17 -13.73
N PRO B 392 1.86 -21.11 -13.37
CA PRO B 392 1.43 -20.17 -14.41
C PRO B 392 2.54 -19.54 -15.26
N LYS B 393 3.79 -19.74 -14.86
CA LYS B 393 4.95 -19.21 -15.60
C LYS B 393 5.92 -20.32 -16.01
N GLN B 394 5.51 -21.56 -15.79
CA GLN B 394 6.32 -22.71 -16.14
C GLN B 394 6.06 -23.17 -17.57
N GLY B 395 7.02 -23.89 -18.13
CA GLY B 395 6.87 -24.40 -19.48
C GLY B 395 6.26 -25.79 -19.44
N PHE B 396 5.96 -26.34 -20.60
CA PHE B 396 5.35 -27.67 -20.66
C PHE B 396 5.28 -28.13 -22.11
N SER B 397 4.92 -29.40 -22.29
CA SER B 397 4.77 -29.96 -23.63
C SER B 397 3.57 -30.89 -23.64
N ILE B 398 2.90 -30.92 -24.78
CA ILE B 398 1.78 -31.80 -24.96
C ILE B 398 2.24 -32.65 -26.13
N VAL B 399 2.34 -33.95 -25.92
CA VAL B 399 2.76 -34.85 -26.99
C VAL B 399 1.53 -35.57 -27.51
N LEU B 400 1.28 -35.43 -28.81
CA LEU B 400 0.15 -36.08 -29.43
C LEU B 400 0.47 -37.56 -29.52
N GLY B 401 -0.16 -38.36 -28.66
CA GLY B 401 0.07 -39.79 -28.62
C GLY B 401 0.01 -40.52 -29.96
N ASN B 402 0.55 -41.73 -29.98
CA ASN B 402 0.56 -42.54 -31.20
C ASN B 402 -0.84 -43.02 -31.59
N SER B 403 -1.66 -43.34 -30.62
CA SER B 403 -3.01 -43.81 -30.87
C SER B 403 -3.87 -42.76 -31.56
N LEU B 404 -3.41 -41.51 -31.57
CA LEU B 404 -4.19 -40.43 -32.19
C LEU B 404 -4.55 -40.73 -33.64
N THR B 405 -5.85 -40.66 -33.93
CA THR B 405 -6.37 -40.91 -35.27
C THR B 405 -6.70 -39.62 -36.01
N VAL B 406 -6.89 -38.53 -35.27
CA VAL B 406 -7.22 -37.26 -35.89
C VAL B 406 -6.03 -36.66 -36.61
N SER B 407 -6.27 -35.58 -37.35
CA SER B 407 -5.20 -34.92 -38.06
C SER B 407 -4.28 -34.28 -37.03
N ARG B 408 -3.05 -34.78 -36.96
CA ARG B 408 -2.10 -34.23 -36.01
C ARG B 408 -1.80 -32.77 -36.38
N GLU B 409 -1.81 -32.47 -37.67
CA GLU B 409 -1.54 -31.11 -38.11
C GLU B 409 -2.62 -30.14 -37.63
N GLN B 410 -3.88 -30.49 -37.86
CA GLN B 410 -4.97 -29.64 -37.44
C GLN B 410 -5.13 -29.55 -35.93
N LEU B 411 -4.86 -30.65 -35.23
CA LEU B 411 -4.99 -30.66 -33.77
C LEU B 411 -3.91 -29.79 -33.16
N SER B 412 -2.74 -29.78 -33.82
CA SER B 412 -1.63 -28.97 -33.35
C SER B 412 -2.00 -27.50 -33.48
N ILE B 413 -2.46 -27.11 -34.67
CA ILE B 413 -2.86 -25.73 -34.91
C ILE B 413 -3.93 -25.29 -33.92
N ALA B 414 -4.92 -26.14 -33.73
CA ALA B 414 -6.01 -25.85 -32.79
C ALA B 414 -5.46 -25.54 -31.41
N LEU B 415 -4.58 -26.39 -30.91
CA LEU B 415 -4.01 -26.17 -29.58
C LEU B 415 -3.23 -24.86 -29.57
N LEU B 416 -2.45 -24.61 -30.63
CA LEU B 416 -1.65 -23.38 -30.71
C LEU B 416 -2.56 -22.16 -30.66
N SER B 417 -3.54 -22.10 -31.56
CA SER B 417 -4.44 -20.98 -31.60
C SER B 417 -5.18 -20.83 -30.27
N THR B 418 -5.52 -21.95 -29.65
CA THR B 418 -6.25 -21.88 -28.40
C THR B 418 -5.40 -21.31 -27.28
N PHE B 419 -4.16 -21.78 -27.17
CA PHE B 419 -3.28 -21.29 -26.11
C PHE B 419 -2.94 -19.82 -26.32
N LEU B 420 -2.80 -19.43 -27.59
CA LEU B 420 -2.44 -18.06 -27.91
C LEU B 420 -3.44 -17.02 -27.41
N GLN B 421 -4.72 -17.39 -27.35
CA GLN B 421 -5.74 -16.44 -26.91
C GLN B 421 -5.77 -16.21 -25.42
N PHE B 422 -5.06 -17.02 -24.66
CA PHE B 422 -5.03 -16.88 -23.21
C PHE B 422 -4.11 -15.76 -22.76
N GLY B 423 -2.97 -15.59 -23.44
CA GLY B 423 -2.03 -14.55 -23.07
C GLY B 423 -1.47 -14.81 -21.68
N GLY B 424 -0.39 -14.13 -21.34
CA GLY B 424 0.20 -14.34 -20.04
C GLY B 424 1.71 -14.40 -20.18
N GLY B 425 2.20 -13.92 -21.32
CA GLY B 425 3.63 -13.91 -21.55
C GLY B 425 4.26 -15.21 -21.99
N ARG B 426 3.53 -16.33 -21.99
CA ARG B 426 4.12 -17.59 -22.41
C ARG B 426 4.23 -17.69 -23.93
N TYR B 427 5.36 -18.22 -24.40
CA TYR B 427 5.62 -18.38 -25.83
C TYR B 427 5.28 -19.81 -26.24
N TYR B 428 4.56 -19.97 -27.35
CA TYR B 428 4.16 -21.30 -27.79
C TYR B 428 4.76 -21.70 -29.13
N LYS B 429 4.83 -23.01 -29.36
CA LYS B 429 5.37 -23.53 -30.61
C LYS B 429 5.06 -25.00 -30.91
N ILE B 430 4.69 -25.25 -32.16
CA ILE B 430 4.44 -26.60 -32.62
C ILE B 430 5.89 -27.03 -32.84
N PHE B 431 6.29 -28.14 -32.22
CA PHE B 431 7.68 -28.59 -32.31
C PHE B 431 7.83 -29.97 -32.93
N GLU B 432 8.37 -30.01 -34.14
CA GLU B 432 8.56 -31.29 -34.82
C GLU B 432 10.00 -31.76 -34.58
N HIS B 433 10.18 -32.86 -33.85
CA HIS B 433 11.50 -33.38 -33.54
C HIS B 433 12.14 -34.33 -34.54
N ASN B 434 11.31 -35.00 -35.34
CA ASN B 434 11.81 -35.93 -36.36
C ASN B 434 12.78 -36.94 -35.77
N ASN B 435 12.52 -37.36 -34.54
CA ASN B 435 13.37 -38.33 -33.86
C ASN B 435 14.86 -37.99 -33.85
N LYS B 436 15.19 -36.73 -34.12
CA LYS B 436 16.58 -36.30 -34.12
C LYS B 436 16.96 -35.83 -32.72
N THR B 437 17.93 -36.49 -32.12
CA THR B 437 18.33 -36.14 -30.76
C THR B 437 18.77 -34.69 -30.62
N GLU B 438 19.26 -34.09 -31.70
CA GLU B 438 19.67 -32.70 -31.61
C GLU B 438 18.47 -31.80 -31.46
N LEU B 439 17.28 -32.33 -31.71
CA LEU B 439 16.07 -31.54 -31.55
C LEU B 439 15.43 -31.96 -30.23
N LEU B 440 15.46 -33.27 -29.96
CA LEU B 440 14.90 -33.80 -28.73
C LEU B 440 15.52 -33.18 -27.49
N SER B 441 16.84 -33.05 -27.51
CA SER B 441 17.58 -32.50 -26.39
C SER B 441 17.26 -31.04 -26.13
N LEU B 442 16.52 -30.42 -27.05
CA LEU B 442 16.15 -29.02 -26.89
C LEU B 442 14.80 -28.85 -26.21
N ILE B 443 14.05 -29.95 -26.09
CA ILE B 443 12.73 -29.88 -25.49
C ILE B 443 12.70 -29.28 -24.09
N GLN B 444 13.55 -29.80 -23.20
CA GLN B 444 13.58 -29.29 -21.85
C GLN B 444 14.12 -27.87 -21.80
N ASP B 445 14.91 -27.50 -22.80
CA ASP B 445 15.45 -26.13 -22.86
C ASP B 445 14.29 -25.15 -22.96
N PHE B 446 13.36 -25.43 -23.86
CA PHE B 446 12.19 -24.56 -24.01
C PHE B 446 11.35 -24.59 -22.74
N ILE B 447 11.04 -25.78 -22.27
CA ILE B 447 10.26 -25.90 -21.05
C ILE B 447 10.93 -25.08 -19.96
N GLY B 448 12.25 -25.19 -19.90
CA GLY B 448 13.01 -24.43 -18.91
C GLY B 448 12.85 -22.94 -19.15
N SER B 449 12.68 -22.57 -20.41
CA SER B 449 12.52 -21.18 -20.78
C SER B 449 11.10 -20.68 -20.55
N GLY B 450 10.24 -21.58 -20.08
CA GLY B 450 8.86 -21.24 -19.79
C GLY B 450 7.87 -21.39 -20.93
N SER B 451 8.38 -21.81 -22.08
CA SER B 451 7.57 -21.97 -23.27
C SER B 451 6.70 -23.22 -23.26
N GLY B 452 5.63 -23.18 -24.05
CA GLY B 452 4.73 -24.31 -24.14
C GLY B 452 4.91 -24.96 -25.49
N LEU B 453 5.18 -26.26 -25.50
CA LEU B 453 5.39 -26.96 -26.77
C LEU B 453 4.31 -27.94 -27.14
N ILE B 454 3.91 -27.91 -28.40
CA ILE B 454 2.92 -28.83 -28.92
C ILE B 454 3.67 -29.76 -29.88
N ILE B 455 3.85 -31.00 -29.43
CA ILE B 455 4.58 -32.00 -30.20
C ILE B 455 3.64 -33.02 -30.84
N PRO B 456 3.44 -32.92 -32.16
CA PRO B 456 2.56 -33.79 -32.94
C PRO B 456 2.81 -35.30 -32.98
N ASP B 457 4.00 -35.74 -32.59
CA ASP B 457 4.33 -37.17 -32.62
C ASP B 457 5.25 -37.56 -31.50
N GLN B 458 5.21 -38.83 -31.13
CA GLN B 458 6.08 -39.34 -30.08
C GLN B 458 7.43 -39.61 -30.70
N TRP B 459 8.43 -39.80 -29.85
CA TRP B 459 9.76 -40.12 -30.32
C TRP B 459 9.96 -41.59 -30.03
N GLU B 460 10.71 -42.27 -30.88
CA GLU B 460 10.98 -43.70 -30.69
C GLU B 460 11.46 -43.97 -29.27
N ASP B 461 11.04 -45.08 -28.69
CA ASP B 461 11.43 -45.45 -27.32
C ASP B 461 12.94 -45.47 -27.10
N ASP B 462 13.70 -45.73 -28.17
CA ASP B 462 15.15 -45.77 -28.02
C ASP B 462 15.76 -44.40 -27.74
N LYS B 463 14.96 -43.34 -27.88
CA LYS B 463 15.46 -42.00 -27.62
C LYS B 463 14.79 -41.31 -26.43
N ASP B 464 13.82 -41.99 -25.83
CA ASP B 464 13.09 -41.43 -24.70
C ASP B 464 14.01 -40.88 -23.62
N SER B 465 15.20 -41.46 -23.52
CA SER B 465 16.18 -41.05 -22.52
C SER B 465 16.79 -39.68 -22.79
N VAL B 466 16.72 -39.23 -24.04
CA VAL B 466 17.27 -37.95 -24.45
C VAL B 466 16.41 -36.77 -24.00
N VAL B 467 15.19 -37.06 -23.54
CA VAL B 467 14.26 -36.03 -23.13
C VAL B 467 13.90 -36.10 -21.65
N GLY B 468 13.99 -34.96 -20.96
CA GLY B 468 13.64 -34.93 -19.56
C GLY B 468 12.12 -34.97 -19.46
N LYS B 469 11.58 -35.86 -18.63
CA LYS B 469 10.14 -36.00 -18.50
C LYS B 469 9.44 -34.86 -17.77
N GLN B 470 10.21 -33.86 -17.33
CA GLN B 470 9.67 -32.71 -16.61
C GLN B 470 8.63 -31.87 -17.37
N ASN B 471 7.42 -31.83 -16.84
CA ASN B 471 6.33 -31.07 -17.46
C ASN B 471 6.01 -31.48 -18.89
N VAL B 472 6.20 -32.77 -19.17
CA VAL B 472 5.91 -33.31 -20.49
C VAL B 472 4.69 -34.23 -20.38
N TYR B 473 3.58 -33.81 -20.97
CA TYR B 473 2.37 -34.62 -20.87
C TYR B 473 2.00 -35.36 -22.15
N LEU B 474 1.51 -36.58 -21.98
CA LEU B 474 1.11 -37.42 -23.10
C LEU B 474 -0.42 -37.44 -23.27
N LEU B 475 -0.87 -37.00 -24.44
CA LEU B 475 -2.30 -36.96 -24.79
C LEU B 475 -2.54 -38.23 -25.58
N ASP B 476 -3.25 -39.18 -24.98
CA ASP B 476 -3.47 -40.46 -25.65
C ASP B 476 -4.66 -41.22 -25.05
N THR B 477 -5.09 -42.27 -25.74
CA THR B 477 -6.21 -43.09 -25.28
C THR B 477 -5.73 -44.11 -24.27
N SER B 478 -4.42 -44.30 -24.26
CA SER B 478 -3.78 -45.24 -23.34
C SER B 478 -4.04 -44.87 -21.88
N SER B 479 -3.87 -45.84 -21.00
CA SER B 479 -4.08 -45.63 -19.58
C SER B 479 -2.86 -44.91 -19.00
N SER B 480 -1.74 -44.98 -19.68
CA SER B 480 -0.52 -44.34 -19.22
C SER B 480 -0.40 -42.94 -19.79
N ALA B 481 -1.50 -42.42 -20.33
CA ALA B 481 -1.51 -41.08 -20.90
C ALA B 481 -1.84 -40.12 -19.75
N ASP B 482 -1.11 -39.01 -19.68
CA ASP B 482 -1.35 -38.01 -18.64
C ASP B 482 -2.72 -37.39 -18.88
N ILE B 483 -3.08 -37.23 -20.16
CA ILE B 483 -4.36 -36.68 -20.56
C ILE B 483 -4.99 -37.75 -21.42
N GLN B 484 -5.90 -38.52 -20.82
CA GLN B 484 -6.56 -39.62 -21.50
C GLN B 484 -7.74 -39.25 -22.39
N LEU B 485 -7.70 -39.72 -23.64
CA LEU B 485 -8.77 -39.45 -24.58
C LEU B 485 -9.82 -40.56 -24.58
N GLU B 486 -11.06 -40.17 -24.93
CA GLU B 486 -12.20 -41.07 -24.99
C GLU B 486 -11.97 -42.10 -26.10
N SER B 487 -11.65 -41.60 -27.28
CA SER B 487 -11.42 -42.45 -28.45
C SER B 487 -10.28 -41.83 -29.25
N ALA B 488 -9.64 -42.63 -30.10
CA ALA B 488 -8.54 -42.13 -30.91
C ALA B 488 -8.96 -41.10 -31.94
N ASP B 489 -10.24 -41.08 -32.27
CA ASP B 489 -10.74 -40.14 -33.27
C ASP B 489 -11.66 -39.09 -32.64
N GLU B 490 -11.50 -38.85 -31.35
CA GLU B 490 -12.32 -37.86 -30.67
C GLU B 490 -12.19 -36.52 -31.42
N PRO B 491 -13.31 -35.83 -31.65
CA PRO B 491 -13.21 -34.56 -32.37
C PRO B 491 -12.32 -33.51 -31.68
N ILE B 492 -11.53 -32.80 -32.49
CA ILE B 492 -10.60 -31.79 -32.01
C ILE B 492 -11.08 -30.82 -30.90
N SER B 493 -12.21 -30.16 -31.09
CA SER B 493 -12.70 -29.23 -30.08
C SER B 493 -12.80 -29.95 -28.73
N HIS B 494 -13.16 -31.23 -28.76
CA HIS B 494 -13.28 -32.01 -27.54
C HIS B 494 -11.92 -32.25 -26.92
N ILE B 495 -10.98 -32.65 -27.77
CA ILE B 495 -9.62 -32.90 -27.31
C ILE B 495 -9.03 -31.60 -26.77
N VAL B 496 -9.26 -30.50 -27.50
CA VAL B 496 -8.74 -29.20 -27.09
C VAL B 496 -9.26 -28.82 -25.71
N GLN B 497 -10.55 -29.05 -25.45
CA GLN B 497 -11.10 -28.68 -24.15
C GLN B 497 -10.45 -29.51 -23.05
N LYS B 498 -10.23 -30.79 -23.31
CA LYS B 498 -9.61 -31.65 -22.31
C LYS B 498 -8.18 -31.20 -22.01
N VAL B 499 -7.43 -30.84 -23.04
CA VAL B 499 -6.06 -30.38 -22.82
C VAL B 499 -6.05 -29.05 -22.06
N VAL B 500 -6.93 -28.13 -22.45
CA VAL B 500 -6.99 -26.84 -21.78
C VAL B 500 -7.33 -27.00 -20.31
N LEU B 501 -8.40 -27.73 -20.02
CA LEU B 501 -8.83 -27.90 -18.65
C LEU B 501 -7.84 -28.65 -17.79
N PHE B 502 -7.08 -29.55 -18.42
CA PHE B 502 -6.07 -30.32 -17.71
C PHE B 502 -4.95 -29.37 -17.27
N LEU B 503 -4.48 -28.56 -18.21
CA LEU B 503 -3.44 -27.59 -17.93
C LEU B 503 -3.93 -26.55 -16.93
N GLU B 504 -5.21 -26.21 -17.01
CA GLU B 504 -5.79 -25.24 -16.10
C GLU B 504 -5.83 -25.87 -14.73
N ASP B 505 -6.20 -27.13 -14.66
CA ASP B 505 -6.25 -27.81 -13.37
C ASP B 505 -4.88 -27.94 -12.73
N ASN B 506 -3.83 -28.04 -13.54
CA ASN B 506 -2.47 -28.15 -13.02
C ASN B 506 -1.78 -26.81 -12.90
N GLY B 507 -2.58 -25.75 -12.86
CA GLY B 507 -2.06 -24.41 -12.67
C GLY B 507 -1.28 -23.72 -13.77
N PHE B 508 -1.11 -24.36 -14.92
CA PHE B 508 -0.37 -23.71 -15.99
C PHE B 508 -1.09 -22.49 -16.53
N PHE B 509 -2.43 -22.52 -16.45
CA PHE B 509 -3.29 -21.43 -16.90
C PHE B 509 -4.12 -20.96 -15.73
N VAL B 510 -4.28 -19.64 -15.64
CA VAL B 510 -5.07 -19.04 -14.58
C VAL B 510 -5.87 -17.94 -15.23
N PHE B 511 -7.18 -17.96 -15.01
CA PHE B 511 -8.04 -16.95 -15.61
C PHE B 511 -8.73 -16.11 -14.54
CD CD C . -27.23 22.78 12.90
CD CD D . -30.52 31.45 12.93
CD CD E . -38.52 34.46 39.49
CD CD F . -14.78 23.99 27.88
CD CD G . -0.19 37.96 29.90
CA CA H . -42.06 43.74 0.59
NA NA I . -45.98 23.63 15.88
CA CA J . -10.51 41.81 -7.32
CA CA K . -41.77 11.62 -36.47
MG MG L . -28.24 28.55 22.03
NA NA M . -12.71 50.56 -2.07
NA NA N . -9.45 49.41 26.42
CD CD O . -21.56 61.30 11.77
NA NA P . -31.00 55.66 -4.56
NA NA Q . -0.17 45.62 19.85
NA NA R . -18.83 17.59 -23.40
SB ADX S . -15.23 35.60 5.79
O1B ADX S . -14.29 36.75 5.90
O2B ADX S . -16.62 36.00 5.07
O3B ADX S . -15.53 35.00 7.13
PA ADX S . -13.55 33.40 5.05
O1A ADX S . -14.21 32.36 5.84
O2A ADX S . -13.14 32.96 3.70
O3A ADX S . -14.57 34.58 4.87
O5' ADX S . -12.30 34.02 5.85
C5' ADX S . -12.41 34.50 7.21
C4' ADX S . -11.19 35.37 7.55
O4' ADX S . -9.99 34.85 6.92
C3' ADX S . -11.31 36.79 7.02
O3' ADX S . -10.66 37.76 7.86
C2' ADX S . -10.60 36.75 5.71
O2' ADX S . -10.28 38.02 5.14
C1' ADX S . -9.43 35.89 6.10
N9 ADX S . -8.72 35.28 4.95
C8 ADX S . -9.13 34.22 4.27
N7 ADX S . -8.25 33.95 3.33
C5 ADX S . -7.28 34.81 3.38
C6 ADX S . -6.09 35.02 2.66
N6 ADX S . -5.76 34.21 1.65
N1 ADX S . -5.27 36.07 3.00
C2 ADX S . -5.58 36.91 4.03
N3 ADX S . -6.72 36.70 4.72
C4 ADX S . -7.57 35.69 4.44
P1 POP T . -7.69 30.16 -0.86
O1 POP T . -8.52 28.94 -1.07
O2 POP T . -6.66 29.95 0.17
O3 POP T . -7.06 30.62 -2.14
O POP T . -8.69 31.32 -0.35
P2 POP T . -9.03 32.02 1.04
O4 POP T . -10.31 31.52 1.49
O5 POP T . -9.37 33.46 0.83
O6 POP T . -7.87 31.97 1.93
C ACY U . -36.74 32.25 38.56
O ACY U . -37.64 33.00 38.04
OXT ACY U . -36.26 32.35 39.70
CH3 ACY U . -36.23 31.10 37.65
C ACY V . -0.07 35.61 31.67
O ACY V . -0.29 35.15 30.49
OXT ACY V . 0.12 36.80 31.98
CH3 ACY V . -0.08 34.55 32.81
C ACY W . -32.63 10.18 -34.44
O ACY W . -32.24 10.07 -33.21
OXT ACY W . -31.90 10.29 -35.43
CH3 ACY W . -34.16 10.16 -34.67
C ACY X . -18.21 27.29 30.39
O ACY X . -18.57 26.07 30.59
OXT ACY X . -17.89 27.77 29.29
CH3 ACY X . -18.17 28.21 31.63
C ACY Y . -12.34 22.16 28.24
O ACY Y . -12.36 23.27 28.91
OXT ACY Y . -13.30 21.60 27.70
CH3 ACY Y . -10.96 21.47 28.11
C ACY Z . 0.60 40.54 29.89
O ACY Z . -0.23 40.16 29.00
OXT ACY Z . 0.67 40.13 31.07
CH3 ACY Z . 1.64 41.60 29.44
C ACY AA . -29.89 22.19 11.98
O ACY AA . -29.14 22.75 11.10
OXT ACY AA . -29.66 22.09 13.20
CH3 ACY AA . -31.20 21.60 11.44
C ACY BA . -20.85 61.05 14.30
O ACY BA . -21.91 60.78 13.62
OXT ACY BA . -20.79 61.20 15.53
CH3 ACY BA . -19.54 61.18 13.49
CD CD CA . 28.22 -22.39 -12.11
CD CD DA . 32.35 -30.41 -10.71
CD CD EA . 59.73 -24.82 -14.50
CD CD FA . 39.24 -11.53 0.62
CD CD GA . 41.18 -15.89 20.21
CA CA HA . 28.99 -50.90 -15.09
NA NA IA . 36.31 -29.34 -27.72
CA CA JA . 12.31 -40.05 9.88
CA CA KA . -15.14 -43.21 -33.52
MG MG LA . 38.57 -23.78 -10.16
NA NA MA . 20.41 -44.97 13.22
NA NA NA . 34.58 -25.64 22.43
NA NA OA . 44.21 -34.64 17.80
NA NA PA . 45.74 -29.16 15.48
NA NA QA . -7.23 -32.23 -10.35
SB ADX RA . 23.02 -30.91 4.12
O1B ADX RA . 22.90 -31.99 3.10
O2B ADX RA . 24.12 -29.77 3.72
O3B ADX RA . 23.35 -31.48 5.46
PA ADX RA . 21.18 -28.69 4.41
O1A ADX RA . 21.74 -27.83 3.37
O2A ADX RA . 19.71 -28.72 4.37
O3A ADX RA . 21.67 -30.16 4.19
O5' ADX RA . 21.72 -28.29 5.88
C5' ADX RA . 23.13 -28.17 6.15
C4' ADX RA . 23.36 -28.20 7.65
O4' ADX RA . 22.25 -27.60 8.35
C3' ADX RA . 23.47 -29.60 8.20
O3' ADX RA . 24.38 -29.69 9.33
C2' ADX RA . 22.06 -29.91 8.67
O2' ADX RA . 21.92 -31.04 9.54
C1' ADX RA . 21.72 -28.57 9.27
N9 ADX RA . 20.26 -28.32 9.47
C8 ADX RA . 19.39 -27.97 8.53
N7 ADX RA . 18.20 -27.81 9.07
C5 ADX RA . 18.27 -28.05 10.36
C6 ADX RA . 17.38 -28.04 11.45
N6 ADX RA . 16.09 -27.72 11.27
N1 ADX RA . 17.83 -28.35 12.71
C2 ADX RA . 19.13 -28.67 12.94
N3 ADX RA . 19.99 -28.69 11.90
C4 ADX RA . 19.61 -28.38 10.62
P1 POP SA . 15.68 -27.51 7.51
O1 POP SA . 15.74 -28.89 8.09
O2 POP SA . 16.55 -27.38 6.33
O3 POP SA . 15.99 -26.45 8.53
O POP SA . 14.19 -27.28 7.02
P2 POP SA . 13.02 -26.28 7.37
O4 POP SA . 12.59 -25.71 6.10
O5 POP SA . 11.80 -27.02 7.77
O6 POP SA . 13.37 -25.40 8.50
C ACY TA . 57.72 -22.70 -14.05
O ACY TA . 57.65 -23.79 -14.70
OXT ACY TA . 58.65 -22.33 -13.30
CH3 ACY TA . 56.52 -21.75 -14.21
C ACY UA . 41.57 -13.27 19.24
O ACY UA . 40.58 -13.75 18.56
OXT ACY UA . 42.19 -13.84 20.16
CH3 ACY UA . 42.02 -11.83 18.84
C ACY VA . -16.31 -37.30 -26.06
O ACY VA . -15.57 -36.26 -26.00
OXT ACY VA . -17.22 -37.61 -25.25
CH3 ACY VA . -16.03 -38.27 -27.24
C ACY WA . 42.49 -14.08 -0.88
O ACY WA . 42.38 -13.13 -1.73
OXT ACY WA . 41.60 -14.90 -0.56
CH3 ACY WA . 43.88 -14.21 -0.18
C ACY XA . 37.04 -8.22 1.76
O ACY XA . 37.59 -8.92 2.69
OXT ACY XA . 36.67 -8.61 0.63
CH3 ACY XA . 36.83 -6.71 2.12
C ACY YA . 41.92 -17.87 21.84
O ACY YA . 41.49 -18.44 20.77
OXT ACY YA . 42.36 -16.71 21.93
CH3 ACY YA . 41.87 -18.72 23.13
C ACY ZA . 27.65 -23.34 -14.60
O ACY ZA . 26.94 -23.96 -13.72
OXT ACY ZA . 28.48 -22.42 -14.40
CH3 ACY ZA . 27.42 -23.79 -16.08
#